data_1QLD
# 
_entry.id   1QLD 
# 
_audit_conform.dict_name       mmcif_pdbx.dic 
_audit_conform.dict_version    5.397 
_audit_conform.dict_location   http://mmcif.pdb.org/dictionaries/ascii/mmcif_pdbx.dic 
# 
loop_
_database_2.database_id 
_database_2.database_code 
_database_2.pdbx_database_accession 
_database_2.pdbx_DOI 
PDB   1QLD         pdb_00001qld 10.2210/pdb1qld/pdb 
PDBE  EBI-4049     ?            ?                   
WWPDB D_1290004049 ?            ?                   
# 
loop_
_pdbx_audit_revision_history.ordinal 
_pdbx_audit_revision_history.data_content_type 
_pdbx_audit_revision_history.major_revision 
_pdbx_audit_revision_history.minor_revision 
_pdbx_audit_revision_history.revision_date 
1 'Structure model' 1 0 2000-02-06 
2 'Structure model' 1 1 2011-05-08 
3 'Structure model' 1 2 2011-07-13 
4 'Structure model' 1 3 2018-10-24 
5 'Structure model' 1 4 2024-10-16 
# 
_pdbx_audit_revision_details.ordinal             1 
_pdbx_audit_revision_details.revision_ordinal    1 
_pdbx_audit_revision_details.data_content_type   'Structure model' 
_pdbx_audit_revision_details.provider            repository 
_pdbx_audit_revision_details.type                'Initial release' 
_pdbx_audit_revision_details.description         ? 
_pdbx_audit_revision_details.details             ? 
# 
loop_
_pdbx_audit_revision_group.ordinal 
_pdbx_audit_revision_group.revision_ordinal 
_pdbx_audit_revision_group.data_content_type 
_pdbx_audit_revision_group.group 
1 2 'Structure model' 'Version format compliance' 
2 3 'Structure model' 'Version format compliance' 
3 4 'Structure model' 'Data collection'           
4 4 'Structure model' 'Source and taxonomy'       
5 5 'Structure model' 'Data collection'           
6 5 'Structure model' 'Database references'       
7 5 'Structure model' Other                       
8 5 'Structure model' 'Structure summary'         
# 
loop_
_pdbx_audit_revision_category.ordinal 
_pdbx_audit_revision_category.revision_ordinal 
_pdbx_audit_revision_category.data_content_type 
_pdbx_audit_revision_category.category 
1 4 'Structure model' entity_src_gen            
2 5 'Structure model' chem_comp_atom            
3 5 'Structure model' chem_comp_bond            
4 5 'Structure model' database_2                
5 5 'Structure model' pdbx_database_status      
6 5 'Structure model' pdbx_entry_details        
7 5 'Structure model' pdbx_modification_feature 
8 5 'Structure model' pdbx_nmr_software         
# 
loop_
_pdbx_audit_revision_item.ordinal 
_pdbx_audit_revision_item.revision_ordinal 
_pdbx_audit_revision_item.data_content_type 
_pdbx_audit_revision_item.item 
1 4 'Structure model' '_entity_src_gen.gene_src_strain'               
2 4 'Structure model' '_entity_src_gen.pdbx_host_org_scientific_name' 
3 4 'Structure model' '_entity_src_gen.pdbx_host_org_strain'          
4 5 'Structure model' '_database_2.pdbx_DOI'                          
5 5 'Structure model' '_database_2.pdbx_database_accession'           
6 5 'Structure model' '_pdbx_database_status.status_code_mr'          
7 5 'Structure model' '_pdbx_nmr_software.name'                       
# 
_pdbx_database_status.status_code                     REL 
_pdbx_database_status.entry_id                        1QLD 
_pdbx_database_status.deposit_site                    PDBE 
_pdbx_database_status.process_site                    PDBE 
_pdbx_database_status.SG_entry                        . 
_pdbx_database_status.recvd_initial_deposition_date   1999-08-26 
_pdbx_database_status.pdb_format_compatible           Y 
_pdbx_database_status.status_code_sf                  ? 
_pdbx_database_status.status_code_mr                  REL 
_pdbx_database_status.status_code_cs                  ? 
_pdbx_database_status.methods_development_category    ? 
_pdbx_database_status.status_code_nmr_data            ? 
# 
loop_
_pdbx_database_related.db_name 
_pdbx_database_related.db_id 
_pdbx_database_related.content_type 
_pdbx_database_related.details 
PDB 1CT7 unspecified 'THE NMR ENSEMBLE STRUCTURES FOR THIS ENTRY (1QLD)' 
PDB 1CLX unspecified 'CATALYTIC CORE OF XYLANASE A, RESIDUES 264 - 611'  
PDB 1XYS unspecified 'CATALYTIC CORE OF XYLANASE A E246C MUTANT'         
# 
loop_
_audit_author.name 
_audit_author.pdbx_ordinal 
'Raghothama, S.'   1 
'Simpson, P.J.'    2 
'Gilbert, H.J.'    3 
'Williamson, M.P.' 4 
# 
_citation.id                        primary 
_citation.title                     'Solution Structure of Cbm10 Cellulose Binding Module from Pseudomonas Xylanase A' 
_citation.journal_abbrev            Biochemistry 
_citation.journal_volume            39 
_citation.page_first                978 
_citation.page_last                 ? 
_citation.year                      2000 
_citation.journal_id_ASTM           BICHAW 
_citation.country                   US 
_citation.journal_id_ISSN           0006-2960 
_citation.journal_id_CSD            0033 
_citation.book_publisher            ? 
_citation.pdbx_database_id_PubMed   10653641 
_citation.pdbx_database_id_DOI      10.1021/BI992163+ 
# 
loop_
_citation_author.citation_id 
_citation_author.name 
_citation_author.ordinal 
_citation_author.identifier_ORCID 
primary 'Raghothama, S.'   1 ? 
primary 'Simpson, P.J.'    2 ? 
primary 'Szabo, L.'        3 ? 
primary 'Nagy, T.'         4 ? 
primary 'Gilbert, H.J.'    5 ? 
primary 'Williamson, M.P.' 6 ? 
# 
_entity.id                         1 
_entity.type                       polymer 
_entity.src_method                 man 
_entity.pdbx_description           XYLANASE 
_entity.formula_weight             5400.007 
_entity.pdbx_number_of_molecules   1 
_entity.pdbx_ec                    3.2.1.8 
_entity.pdbx_mutation              ? 
_entity.pdbx_fragment              'CELLULOSE BINDING DOMAIN' 
_entity.details                    ? 
# 
_entity_name_com.entity_id   1 
_entity_name_com.name        'ENDO-1,4-BETA-XYLANASE A, XYLANASE A, 1,4-BETA-D-XYLAN XYLANOHYDROLASE A' 
# 
_entity_poly.entity_id                      1 
_entity_poly.type                           'polypeptide(L)' 
_entity_poly.nstd_linkage                   no 
_entity_poly.nstd_monomer                   no 
_entity_poly.pdbx_seq_one_letter_code       MGNQQCNWYGTLYPLCVTTTNGWGWEDQRSCIARSTCAAQPAPFGIVGSG 
_entity_poly.pdbx_seq_one_letter_code_can   MGNQQCNWYGTLYPLCVTTTNGWGWEDQRSCIARSTCAAQPAPFGIVGSG 
_entity_poly.pdbx_strand_id                 A 
_entity_poly.pdbx_target_identifier         ? 
# 
loop_
_entity_poly_seq.entity_id 
_entity_poly_seq.num 
_entity_poly_seq.mon_id 
_entity_poly_seq.hetero 
1 1  MET n 
1 2  GLY n 
1 3  ASN n 
1 4  GLN n 
1 5  GLN n 
1 6  CYS n 
1 7  ASN n 
1 8  TRP n 
1 9  TYR n 
1 10 GLY n 
1 11 THR n 
1 12 LEU n 
1 13 TYR n 
1 14 PRO n 
1 15 LEU n 
1 16 CYS n 
1 17 VAL n 
1 18 THR n 
1 19 THR n 
1 20 THR n 
1 21 ASN n 
1 22 GLY n 
1 23 TRP n 
1 24 GLY n 
1 25 TRP n 
1 26 GLU n 
1 27 ASP n 
1 28 GLN n 
1 29 ARG n 
1 30 SER n 
1 31 CYS n 
1 32 ILE n 
1 33 ALA n 
1 34 ARG n 
1 35 SER n 
1 36 THR n 
1 37 CYS n 
1 38 ALA n 
1 39 ALA n 
1 40 GLN n 
1 41 PRO n 
1 42 ALA n 
1 43 PRO n 
1 44 PHE n 
1 45 GLY n 
1 46 ILE n 
1 47 VAL n 
1 48 GLY n 
1 49 SER n 
1 50 GLY n 
# 
_entity_src_gen.entity_id                          1 
_entity_src_gen.pdbx_src_id                        1 
_entity_src_gen.pdbx_alt_source_flag               sample 
_entity_src_gen.pdbx_seq_type                      ? 
_entity_src_gen.pdbx_beg_seq_num                   ? 
_entity_src_gen.pdbx_end_seq_num                   ? 
_entity_src_gen.gene_src_common_name               ? 
_entity_src_gen.gene_src_genus                     ? 
_entity_src_gen.pdbx_gene_src_gene                 ? 
_entity_src_gen.gene_src_species                   ? 
_entity_src_gen.gene_src_strain                    ? 
_entity_src_gen.gene_src_tissue                    ? 
_entity_src_gen.gene_src_tissue_fraction           ? 
_entity_src_gen.gene_src_details                   ? 
_entity_src_gen.pdbx_gene_src_fragment             ? 
_entity_src_gen.pdbx_gene_src_scientific_name      'PSEUDOMONAS FLUORESCENS' 
_entity_src_gen.pdbx_gene_src_ncbi_taxonomy_id     294 
_entity_src_gen.pdbx_gene_src_variant              ? 
_entity_src_gen.pdbx_gene_src_cell_line            ? 
_entity_src_gen.pdbx_gene_src_atcc                 ? 
_entity_src_gen.pdbx_gene_src_organ                ? 
_entity_src_gen.pdbx_gene_src_organelle            ? 
_entity_src_gen.pdbx_gene_src_cell                 ? 
_entity_src_gen.pdbx_gene_src_cellular_location    ? 
_entity_src_gen.host_org_common_name               ? 
_entity_src_gen.pdbx_host_org_scientific_name      'ESCHERICHIA COLI BL21' 
_entity_src_gen.pdbx_host_org_ncbi_taxonomy_id     511693 
_entity_src_gen.host_org_genus                     ? 
_entity_src_gen.pdbx_host_org_gene                 ? 
_entity_src_gen.pdbx_host_org_organ                ? 
_entity_src_gen.host_org_species                   ? 
_entity_src_gen.pdbx_host_org_tissue               ? 
_entity_src_gen.pdbx_host_org_tissue_fraction      ? 
_entity_src_gen.pdbx_host_org_strain               ? 
_entity_src_gen.pdbx_host_org_variant              ? 
_entity_src_gen.pdbx_host_org_cell_line            ? 
_entity_src_gen.pdbx_host_org_atcc                 ? 
_entity_src_gen.pdbx_host_org_culture_collection   ? 
_entity_src_gen.pdbx_host_org_cell                 ? 
_entity_src_gen.pdbx_host_org_organelle            ? 
_entity_src_gen.pdbx_host_org_cellular_location    ? 
_entity_src_gen.pdbx_host_org_vector_type          ? 
_entity_src_gen.pdbx_host_org_vector               ? 
_entity_src_gen.host_org_details                   ? 
_entity_src_gen.expression_system_id               ? 
_entity_src_gen.plasmid_name                       ? 
_entity_src_gen.plasmid_details                    ? 
_entity_src_gen.pdbx_description                   'PSEUDOMONAS FLUORESCENS CELLULOSA' 
# 
loop_
_chem_comp.id 
_chem_comp.type 
_chem_comp.mon_nstd_flag 
_chem_comp.name 
_chem_comp.pdbx_synonyms 
_chem_comp.formula 
_chem_comp.formula_weight 
ALA 'L-peptide linking' y ALANINE         ? 'C3 H7 N O2'     89.093  
ARG 'L-peptide linking' y ARGININE        ? 'C6 H15 N4 O2 1' 175.209 
ASN 'L-peptide linking' y ASPARAGINE      ? 'C4 H8 N2 O3'    132.118 
ASP 'L-peptide linking' y 'ASPARTIC ACID' ? 'C4 H7 N O4'     133.103 
CYS 'L-peptide linking' y CYSTEINE        ? 'C3 H7 N O2 S'   121.158 
GLN 'L-peptide linking' y GLUTAMINE       ? 'C5 H10 N2 O3'   146.144 
GLU 'L-peptide linking' y 'GLUTAMIC ACID' ? 'C5 H9 N O4'     147.129 
GLY 'peptide linking'   y GLYCINE         ? 'C2 H5 N O2'     75.067  
ILE 'L-peptide linking' y ISOLEUCINE      ? 'C6 H13 N O2'    131.173 
LEU 'L-peptide linking' y LEUCINE         ? 'C6 H13 N O2'    131.173 
MET 'L-peptide linking' y METHIONINE      ? 'C5 H11 N O2 S'  149.211 
PHE 'L-peptide linking' y PHENYLALANINE   ? 'C9 H11 N O2'    165.189 
PRO 'L-peptide linking' y PROLINE         ? 'C5 H9 N O2'     115.130 
SER 'L-peptide linking' y SERINE          ? 'C3 H7 N O3'     105.093 
THR 'L-peptide linking' y THREONINE       ? 'C4 H9 N O3'     119.119 
TRP 'L-peptide linking' y TRYPTOPHAN      ? 'C11 H12 N2 O2'  204.225 
TYR 'L-peptide linking' y TYROSINE        ? 'C9 H11 N O3'    181.189 
VAL 'L-peptide linking' y VALINE          ? 'C5 H11 N O2'    117.146 
# 
loop_
_pdbx_poly_seq_scheme.asym_id 
_pdbx_poly_seq_scheme.entity_id 
_pdbx_poly_seq_scheme.seq_id 
_pdbx_poly_seq_scheme.mon_id 
_pdbx_poly_seq_scheme.ndb_seq_num 
_pdbx_poly_seq_scheme.pdb_seq_num 
_pdbx_poly_seq_scheme.auth_seq_num 
_pdbx_poly_seq_scheme.pdb_mon_id 
_pdbx_poly_seq_scheme.auth_mon_id 
_pdbx_poly_seq_scheme.pdb_strand_id 
_pdbx_poly_seq_scheme.pdb_ins_code 
_pdbx_poly_seq_scheme.hetero 
A 1 1  MET 1  20 20 MET MET A . n 
A 1 2  GLY 2  21 21 GLY GLY A . n 
A 1 3  ASN 3  22 22 ASN ASN A . n 
A 1 4  GLN 4  23 23 GLN GLN A . n 
A 1 5  GLN 5  24 24 GLN GLN A . n 
A 1 6  CYS 6  25 25 CYS CYS A . n 
A 1 7  ASN 7  26 26 ASN ASN A . n 
A 1 8  TRP 8  27 27 TRP TRP A . n 
A 1 9  TYR 9  28 28 TYR TYR A . n 
A 1 10 GLY 10 29 29 GLY GLY A . n 
A 1 11 THR 11 30 30 THR THR A . n 
A 1 12 LEU 12 31 31 LEU LEU A . n 
A 1 13 TYR 13 32 32 TYR TYR A . n 
A 1 14 PRO 14 33 33 PRO PRO A . n 
A 1 15 LEU 15 34 34 LEU LEU A . n 
A 1 16 CYS 16 35 35 CYS CYS A . n 
A 1 17 VAL 17 36 36 VAL VAL A . n 
A 1 18 THR 18 37 37 THR THR A . n 
A 1 19 THR 19 38 38 THR THR A . n 
A 1 20 THR 20 39 39 THR THR A . n 
A 1 21 ASN 21 40 40 ASN ASN A . n 
A 1 22 GLY 22 41 41 GLY GLY A . n 
A 1 23 TRP 23 42 42 TRP TRP A . n 
A 1 24 GLY 24 43 43 GLY GLY A . n 
A 1 25 TRP 25 44 44 TRP TRP A . n 
A 1 26 GLU 26 45 45 GLU GLU A . n 
A 1 27 ASP 27 46 46 ASP ASP A . n 
A 1 28 GLN 28 47 47 GLN GLN A . n 
A 1 29 ARG 29 48 48 ARG ARG A . n 
A 1 30 SER 30 49 49 SER SER A . n 
A 1 31 CYS 31 50 50 CYS CYS A . n 
A 1 32 ILE 32 51 51 ILE ILE A . n 
A 1 33 ALA 33 52 52 ALA ALA A . n 
A 1 34 ARG 34 53 53 ARG ARG A . n 
A 1 35 SER 35 54 54 SER SER A . n 
A 1 36 THR 36 55 55 THR THR A . n 
A 1 37 CYS 37 56 56 CYS CYS A . n 
A 1 38 ALA 38 57 57 ALA ALA A . n 
A 1 39 ALA 39 58 58 ALA ALA A . n 
A 1 40 GLN 40 59 59 GLN GLN A . n 
A 1 41 PRO 41 60 60 PRO PRO A . n 
A 1 42 ALA 42 61 61 ALA ALA A . n 
A 1 43 PRO 43 62 62 PRO PRO A . n 
A 1 44 PHE 44 63 63 PHE PHE A . n 
A 1 45 GLY 45 64 64 GLY GLY A . n 
A 1 46 ILE 46 65 65 ILE ILE A . n 
A 1 47 VAL 47 66 66 VAL VAL A . n 
A 1 48 GLY 48 67 67 GLY GLY A . n 
A 1 49 SER 49 68 68 SER SER A . n 
A 1 50 GLY 50 69 69 GLY GLY A . n 
# 
_cell.entry_id           1QLD 
_cell.length_a           1.000 
_cell.length_b           1.000 
_cell.length_c           1.000 
_cell.angle_alpha        90.00 
_cell.angle_beta         90.00 
_cell.angle_gamma        90.00 
_cell.Z_PDB              1 
_cell.pdbx_unique_axis   ? 
# 
_symmetry.entry_id                         1QLD 
_symmetry.space_group_name_H-M             'P 1' 
_symmetry.pdbx_full_space_group_name_H-M   ? 
_symmetry.cell_setting                     ? 
_symmetry.Int_Tables_number                1 
# 
_exptl.entry_id          1QLD 
_exptl.method            'SOLUTION NMR' 
_exptl.crystals_number   ? 
# 
_struct.entry_id                  1QLD 
_struct.title                     'Solution structure of type X CBM' 
_struct.pdbx_model_details        ? 
_struct.pdbx_CASP_flag            ? 
_struct.pdbx_model_type_details   'MINIMIZED AVERAGE' 
# 
_struct_keywords.entry_id        1QLD 
_struct_keywords.pdbx_keywords   XYLANASE 
_struct_keywords.text            'XYLANASE, BETA STRANDS, ANTI PARALLEL BETA SHEETS, XYLAN DEGRADATION, HYDROLASE, GLYCOSIDASE' 
# 
_struct_asym.id                            A 
_struct_asym.pdbx_blank_PDB_chainid_flag   N 
_struct_asym.pdbx_modified                 N 
_struct_asym.entity_id                     1 
_struct_asym.details                       ? 
# 
_struct_ref.id                         1 
_struct_ref.db_name                    UNP 
_struct_ref.db_code                    XYNA_PSEFL 
_struct_ref.entity_id                  1 
_struct_ref.pdbx_seq_one_letter_code   ? 
_struct_ref.pdbx_align_begin           ? 
_struct_ref.pdbx_db_accession          P14768 
_struct_ref.pdbx_db_isoform            ? 
# 
_struct_ref_seq.align_id                      1 
_struct_ref_seq.ref_id                        1 
_struct_ref_seq.pdbx_PDB_id_code              1QLD 
_struct_ref_seq.pdbx_strand_id                A 
_struct_ref_seq.seq_align_beg                 2 
_struct_ref_seq.pdbx_seq_align_beg_ins_code   ? 
_struct_ref_seq.seq_align_end                 50 
_struct_ref_seq.pdbx_seq_align_end_ins_code   ? 
_struct_ref_seq.pdbx_db_accession             P14768 
_struct_ref_seq.db_align_beg                  180 
_struct_ref_seq.pdbx_db_align_beg_ins_code    ? 
_struct_ref_seq.db_align_end                  228 
_struct_ref_seq.pdbx_db_align_end_ins_code    ? 
_struct_ref_seq.pdbx_auth_seq_align_beg       21 
_struct_ref_seq.pdbx_auth_seq_align_end       69 
# 
_struct_ref_seq_dif.align_id                     1 
_struct_ref_seq_dif.pdbx_pdb_id_code             1QLD 
_struct_ref_seq_dif.mon_id                       MET 
_struct_ref_seq_dif.pdbx_pdb_strand_id           A 
_struct_ref_seq_dif.seq_num                      1 
_struct_ref_seq_dif.pdbx_pdb_ins_code            ? 
_struct_ref_seq_dif.pdbx_seq_db_name             UNP 
_struct_ref_seq_dif.pdbx_seq_db_accession_code   P14768 
_struct_ref_seq_dif.db_mon_id                    ? 
_struct_ref_seq_dif.pdbx_seq_db_seq_num          ? 
_struct_ref_seq_dif.details                      'cloning artifact' 
_struct_ref_seq_dif.pdbx_auth_seq_num            20 
_struct_ref_seq_dif.pdbx_ordinal                 1 
# 
_pdbx_struct_assembly.id                   1 
_pdbx_struct_assembly.details              author_defined_assembly 
_pdbx_struct_assembly.method_details       ? 
_pdbx_struct_assembly.oligomeric_details   monomeric 
_pdbx_struct_assembly.oligomeric_count     1 
# 
_pdbx_struct_assembly_gen.assembly_id       1 
_pdbx_struct_assembly_gen.oper_expression   1 
_pdbx_struct_assembly_gen.asym_id_list      A 
# 
_pdbx_struct_oper_list.id                   1 
_pdbx_struct_oper_list.type                 'identity operation' 
_pdbx_struct_oper_list.name                 1_555 
_pdbx_struct_oper_list.symmetry_operation   x,y,z 
_pdbx_struct_oper_list.matrix[1][1]         1.0000000000 
_pdbx_struct_oper_list.matrix[1][2]         0.0000000000 
_pdbx_struct_oper_list.matrix[1][3]         0.0000000000 
_pdbx_struct_oper_list.vector[1]            0.0000000000 
_pdbx_struct_oper_list.matrix[2][1]         0.0000000000 
_pdbx_struct_oper_list.matrix[2][2]         1.0000000000 
_pdbx_struct_oper_list.matrix[2][3]         0.0000000000 
_pdbx_struct_oper_list.vector[2]            0.0000000000 
_pdbx_struct_oper_list.matrix[3][1]         0.0000000000 
_pdbx_struct_oper_list.matrix[3][2]         0.0000000000 
_pdbx_struct_oper_list.matrix[3][3]         1.0000000000 
_pdbx_struct_oper_list.vector[3]            0.0000000000 
# 
_struct_conf.conf_type_id            HELX_P 
_struct_conf.id                      HELX_P1 
_struct_conf.pdbx_PDB_helix_id       1 
_struct_conf.beg_label_comp_id       ALA 
_struct_conf.beg_label_asym_id       A 
_struct_conf.beg_label_seq_id        33 
_struct_conf.pdbx_beg_PDB_ins_code   ? 
_struct_conf.end_label_comp_id       ALA 
_struct_conf.end_label_asym_id       A 
_struct_conf.end_label_seq_id        38 
_struct_conf.pdbx_end_PDB_ins_code   ? 
_struct_conf.beg_auth_comp_id        ALA 
_struct_conf.beg_auth_asym_id        A 
_struct_conf.beg_auth_seq_id         52 
_struct_conf.end_auth_comp_id        ALA 
_struct_conf.end_auth_asym_id        A 
_struct_conf.end_auth_seq_id         57 
_struct_conf.pdbx_PDB_helix_class    1 
_struct_conf.details                 ? 
_struct_conf.pdbx_PDB_helix_length   6 
# 
_struct_conf_type.id          HELX_P 
_struct_conf_type.criteria    ? 
_struct_conf_type.reference   ? 
# 
loop_
_struct_conn.id 
_struct_conn.conn_type_id 
_struct_conn.pdbx_leaving_atom_flag 
_struct_conn.pdbx_PDB_id 
_struct_conn.ptnr1_label_asym_id 
_struct_conn.ptnr1_label_comp_id 
_struct_conn.ptnr1_label_seq_id 
_struct_conn.ptnr1_label_atom_id 
_struct_conn.pdbx_ptnr1_label_alt_id 
_struct_conn.pdbx_ptnr1_PDB_ins_code 
_struct_conn.pdbx_ptnr1_standard_comp_id 
_struct_conn.ptnr1_symmetry 
_struct_conn.ptnr2_label_asym_id 
_struct_conn.ptnr2_label_comp_id 
_struct_conn.ptnr2_label_seq_id 
_struct_conn.ptnr2_label_atom_id 
_struct_conn.pdbx_ptnr2_label_alt_id 
_struct_conn.pdbx_ptnr2_PDB_ins_code 
_struct_conn.ptnr1_auth_asym_id 
_struct_conn.ptnr1_auth_comp_id 
_struct_conn.ptnr1_auth_seq_id 
_struct_conn.ptnr2_auth_asym_id 
_struct_conn.ptnr2_auth_comp_id 
_struct_conn.ptnr2_auth_seq_id 
_struct_conn.ptnr2_symmetry 
_struct_conn.pdbx_ptnr3_label_atom_id 
_struct_conn.pdbx_ptnr3_label_seq_id 
_struct_conn.pdbx_ptnr3_label_comp_id 
_struct_conn.pdbx_ptnr3_label_asym_id 
_struct_conn.pdbx_ptnr3_label_alt_id 
_struct_conn.pdbx_ptnr3_PDB_ins_code 
_struct_conn.details 
_struct_conn.pdbx_dist_value 
_struct_conn.pdbx_value_order 
_struct_conn.pdbx_role 
disulf1 disulf ? ? A CYS 6  SG ? ? ? 1_555 A CYS 37 SG ? ? A CYS 25 A CYS 56 1_555 ? ? ? ? ? ? ? 2.010 ? ? 
disulf2 disulf ? ? A CYS 16 SG ? ? ? 1_555 A CYS 31 SG ? ? A CYS 35 A CYS 50 1_555 ? ? ? ? ? ? ? 2.020 ? ? 
# 
_struct_conn_type.id          disulf 
_struct_conn_type.criteria    ? 
_struct_conn_type.reference   ? 
# 
loop_
_pdbx_modification_feature.ordinal 
_pdbx_modification_feature.label_comp_id 
_pdbx_modification_feature.label_asym_id 
_pdbx_modification_feature.label_seq_id 
_pdbx_modification_feature.label_alt_id 
_pdbx_modification_feature.modified_residue_label_comp_id 
_pdbx_modification_feature.modified_residue_label_asym_id 
_pdbx_modification_feature.modified_residue_label_seq_id 
_pdbx_modification_feature.modified_residue_label_alt_id 
_pdbx_modification_feature.auth_comp_id 
_pdbx_modification_feature.auth_asym_id 
_pdbx_modification_feature.auth_seq_id 
_pdbx_modification_feature.PDB_ins_code 
_pdbx_modification_feature.symmetry 
_pdbx_modification_feature.modified_residue_auth_comp_id 
_pdbx_modification_feature.modified_residue_auth_asym_id 
_pdbx_modification_feature.modified_residue_auth_seq_id 
_pdbx_modification_feature.modified_residue_PDB_ins_code 
_pdbx_modification_feature.modified_residue_symmetry 
_pdbx_modification_feature.comp_id_linking_atom 
_pdbx_modification_feature.modified_residue_id_linking_atom 
_pdbx_modification_feature.modified_residue_id 
_pdbx_modification_feature.ref_pcm_id 
_pdbx_modification_feature.ref_comp_id 
_pdbx_modification_feature.type 
_pdbx_modification_feature.category 
1 CYS A 6  ? CYS A 37 ? CYS A 25 ? 1_555 CYS A 56 ? 1_555 SG SG . . . None 'Disulfide bridge' 
2 CYS A 16 ? CYS A 31 ? CYS A 35 ? 1_555 CYS A 50 ? 1_555 SG SG . . . None 'Disulfide bridge' 
# 
_struct_mon_prot_cis.pdbx_id                1 
_struct_mon_prot_cis.label_comp_id          ALA 
_struct_mon_prot_cis.label_seq_id           42 
_struct_mon_prot_cis.label_asym_id          A 
_struct_mon_prot_cis.label_alt_id           . 
_struct_mon_prot_cis.pdbx_PDB_ins_code      ? 
_struct_mon_prot_cis.auth_comp_id           ALA 
_struct_mon_prot_cis.auth_seq_id            61 
_struct_mon_prot_cis.auth_asym_id           A 
_struct_mon_prot_cis.pdbx_label_comp_id_2   PRO 
_struct_mon_prot_cis.pdbx_label_seq_id_2    43 
_struct_mon_prot_cis.pdbx_label_asym_id_2   A 
_struct_mon_prot_cis.pdbx_PDB_ins_code_2    ? 
_struct_mon_prot_cis.pdbx_auth_comp_id_2    PRO 
_struct_mon_prot_cis.pdbx_auth_seq_id_2     62 
_struct_mon_prot_cis.pdbx_auth_asym_id_2    A 
_struct_mon_prot_cis.pdbx_PDB_model_num     1 
_struct_mon_prot_cis.pdbx_omega_angle       0.08 
# 
loop_
_struct_sheet.id 
_struct_sheet.type 
_struct_sheet.number_strands 
_struct_sheet.details 
A ? 2 ? 
B ? 2 ? 
# 
loop_
_struct_sheet_order.sheet_id 
_struct_sheet_order.range_id_1 
_struct_sheet_order.range_id_2 
_struct_sheet_order.offset 
_struct_sheet_order.sense 
A 1 2 ? anti-parallel 
B 1 2 ? anti-parallel 
# 
loop_
_struct_sheet_range.sheet_id 
_struct_sheet_range.id 
_struct_sheet_range.beg_label_comp_id 
_struct_sheet_range.beg_label_asym_id 
_struct_sheet_range.beg_label_seq_id 
_struct_sheet_range.pdbx_beg_PDB_ins_code 
_struct_sheet_range.end_label_comp_id 
_struct_sheet_range.end_label_asym_id 
_struct_sheet_range.end_label_seq_id 
_struct_sheet_range.pdbx_end_PDB_ins_code 
_struct_sheet_range.beg_auth_comp_id 
_struct_sheet_range.beg_auth_asym_id 
_struct_sheet_range.beg_auth_seq_id 
_struct_sheet_range.end_auth_comp_id 
_struct_sheet_range.end_auth_asym_id 
_struct_sheet_range.end_auth_seq_id 
A 1 GLN A 5  ? TRP A 8  ? GLN A 24 TRP A 27 
A 2 THR A 11 ? PRO A 14 ? THR A 30 PRO A 33 
B 1 TRP A 23 ? GLU A 26 ? TRP A 42 GLU A 45 
B 2 ARG A 29 ? ILE A 32 ? ARG A 48 ILE A 51 
# 
loop_
_pdbx_struct_sheet_hbond.sheet_id 
_pdbx_struct_sheet_hbond.range_id_1 
_pdbx_struct_sheet_hbond.range_id_2 
_pdbx_struct_sheet_hbond.range_1_label_atom_id 
_pdbx_struct_sheet_hbond.range_1_label_comp_id 
_pdbx_struct_sheet_hbond.range_1_label_asym_id 
_pdbx_struct_sheet_hbond.range_1_label_seq_id 
_pdbx_struct_sheet_hbond.range_1_PDB_ins_code 
_pdbx_struct_sheet_hbond.range_1_auth_atom_id 
_pdbx_struct_sheet_hbond.range_1_auth_comp_id 
_pdbx_struct_sheet_hbond.range_1_auth_asym_id 
_pdbx_struct_sheet_hbond.range_1_auth_seq_id 
_pdbx_struct_sheet_hbond.range_2_label_atom_id 
_pdbx_struct_sheet_hbond.range_2_label_comp_id 
_pdbx_struct_sheet_hbond.range_2_label_asym_id 
_pdbx_struct_sheet_hbond.range_2_label_seq_id 
_pdbx_struct_sheet_hbond.range_2_PDB_ins_code 
_pdbx_struct_sheet_hbond.range_2_auth_atom_id 
_pdbx_struct_sheet_hbond.range_2_auth_comp_id 
_pdbx_struct_sheet_hbond.range_2_auth_asym_id 
_pdbx_struct_sheet_hbond.range_2_auth_seq_id 
A 1 2 O CYS A 6  ? O CYS A 25 N TYR A 13 ? N TYR A 32 
B 1 2 O GLY A 24 ? O GLY A 43 N CYS A 31 ? N CYS A 50 
# 
_pdbx_entry_details.entry_id                   1QLD 
_pdbx_entry_details.compound_details           ? 
_pdbx_entry_details.source_details             ? 
_pdbx_entry_details.nonpolymer_details         ? 
_pdbx_entry_details.sequence_details           ? 
_pdbx_entry_details.has_ligand_of_interest     ? 
_pdbx_entry_details.has_protein_modification   Y 
# 
loop_
_pdbx_validate_close_contact.id 
_pdbx_validate_close_contact.PDB_model_num 
_pdbx_validate_close_contact.auth_atom_id_1 
_pdbx_validate_close_contact.auth_asym_id_1 
_pdbx_validate_close_contact.auth_comp_id_1 
_pdbx_validate_close_contact.auth_seq_id_1 
_pdbx_validate_close_contact.PDB_ins_code_1 
_pdbx_validate_close_contact.label_alt_id_1 
_pdbx_validate_close_contact.auth_atom_id_2 
_pdbx_validate_close_contact.auth_asym_id_2 
_pdbx_validate_close_contact.auth_comp_id_2 
_pdbx_validate_close_contact.auth_seq_id_2 
_pdbx_validate_close_contact.PDB_ins_code_2 
_pdbx_validate_close_contact.label_alt_id_2 
_pdbx_validate_close_contact.dist 
1  1 HE3 A TRP 44 ? ? HA A SER 49 ? ? 0.72 
2  1 CE3 A TRP 44 ? ? HA A SER 49 ? ? 1.31 
3  1 CZ3 A TRP 44 ? ? N  A SER 49 ? ? 1.37 
4  1 HZ3 A TRP 44 ? ? N  A SER 49 ? ? 1.45 
5  1 HZ3 A TRP 44 ? ? OG A SER 49 ? ? 1.48 
6  1 HZ3 A TRP 44 ? ? CB A SER 49 ? ? 1.57 
7  1 CE3 A TRP 44 ? ? CA A SER 49 ? ? 1.88 
8  1 CZ3 A TRP 44 ? ? C  A ARG 48 ? ? 1.90 
9  1 CZ3 A TRP 44 ? ? CA A SER 49 ? ? 1.93 
10 1 CD2 A TRP 44 ? ? O  A ARG 48 ? ? 1.97 
11 1 CH2 A TRP 44 ? ? C  A ARG 48 ? ? 2.06 
12 1 CE3 A TRP 44 ? ? O  A ARG 48 ? ? 2.06 
13 1 CE3 A TRP 44 ? ? N  A SER 49 ? ? 2.08 
14 1 CH2 A TRP 44 ? ? N  A SER 49 ? ? 2.15 
15 1 CH2 A TRP 44 ? ? CA A ARG 48 ? ? 2.18 
16 1 CE3 A TRP 44 ? ? C  A ARG 48 ? ? 2.19 
# 
loop_
_pdbx_validate_torsion.id 
_pdbx_validate_torsion.PDB_model_num 
_pdbx_validate_torsion.auth_comp_id 
_pdbx_validate_torsion.auth_asym_id 
_pdbx_validate_torsion.auth_seq_id 
_pdbx_validate_torsion.PDB_ins_code 
_pdbx_validate_torsion.label_alt_id 
_pdbx_validate_torsion.phi 
_pdbx_validate_torsion.psi 
1 1 ASN A 26 ? ? -59.10 88.06  
2 1 TYR A 28 ? ? 31.81  28.47  
3 1 THR A 39 ? ? -58.28 -9.39  
4 1 ASN A 40 ? ? -87.12 36.52  
5 1 ALA A 52 ? ? -40.87 172.42 
6 1 ARG A 53 ? ? -57.48 -82.45 
7 1 CYS A 56 ? ? -72.21 -76.24 
8 1 ALA A 58 ? ? -29.19 -35.03 
9 1 GLN A 59 ? ? -43.01 161.91 
# 
loop_
_pdbx_validate_planes.id 
_pdbx_validate_planes.PDB_model_num 
_pdbx_validate_planes.auth_comp_id 
_pdbx_validate_planes.auth_asym_id 
_pdbx_validate_planes.auth_seq_id 
_pdbx_validate_planes.PDB_ins_code 
_pdbx_validate_planes.label_alt_id 
_pdbx_validate_planes.rmsd 
_pdbx_validate_planes.type 
1 1 ARG A 48 ? ? 0.309 'SIDE CHAIN' 
2 1 ARG A 53 ? ? 0.304 'SIDE CHAIN' 
# 
_pdbx_nmr_ensemble.entry_id                             1QLD 
_pdbx_nmr_ensemble.conformers_calculated_total_number   50 
_pdbx_nmr_ensemble.conformers_submitted_total_number    1 
_pdbx_nmr_ensemble.conformer_selection_criteria         
'AN AVERAGE STRUCTURE OF 21 LOWEST ENERGY STRUCTURES WAS CALCULATED, WHICH WAS FURTHER SUBJECTED TO RESTRAINED ENERGY MINIMIZATION.' 
# 
_pdbx_nmr_sample_details.solution_id   1 
_pdbx_nmr_sample_details.contents      '90% WATER / 10% D2O' 
# 
_pdbx_nmr_exptl_sample_conditions.conditions_id          1 
_pdbx_nmr_exptl_sample_conditions.temperature            323 
_pdbx_nmr_exptl_sample_conditions.pressure_units         ? 
_pdbx_nmr_exptl_sample_conditions.pressure               AMBIENT 
_pdbx_nmr_exptl_sample_conditions.pH                     4.5 
_pdbx_nmr_exptl_sample_conditions.ionic_strength         '100 MM NACL' 
_pdbx_nmr_exptl_sample_conditions.ionic_strength_units   ? 
_pdbx_nmr_exptl_sample_conditions.pH_units               pH 
_pdbx_nmr_exptl_sample_conditions.temperature_units      K 
# 
loop_
_pdbx_nmr_exptl.experiment_id 
_pdbx_nmr_exptl.conditions_id 
_pdbx_nmr_exptl.type 
_pdbx_nmr_exptl.solution_id 
1 1 TOCSY    1 
2 1 NOESY    1 
3 1 DQF-COSY 1 
4 1 E.COSY   1 
# 
_pdbx_nmr_details.entry_id   1QLD 
_pdbx_nmr_details.text       
;MINIMIZED AVERAGE STRUCTURE. THE STRUCTURE WAS DETERMINED USING STANDARD 2D HOMONUCLEAR TECHNIQUES. FOR THE ATOM RECORDS THE VALUE GIVEN IN THE TEMPERATURE FACTOR COLUMN IS THE RMSD PER ATOM TO THE MEAN POSITION.
;
# 
_pdbx_nmr_refine.entry_id           1QLD 
_pdbx_nmr_refine.method             'DISTANCE GEOMETRY, SIMULATED ANNEALING' 
_pdbx_nmr_refine.details            ? 
_pdbx_nmr_refine.software_ordinal   1 
# 
loop_
_pdbx_nmr_software.classification 
_pdbx_nmr_software.name 
_pdbx_nmr_software.version 
_pdbx_nmr_software.authors 
_pdbx_nmr_software.ordinal 
refinement           X-PLOR 3.1 BRUNGER 1 
'structure solution' Felix  ?   ?       2 
# 
loop_
_chem_comp_atom.comp_id 
_chem_comp_atom.atom_id 
_chem_comp_atom.type_symbol 
_chem_comp_atom.pdbx_aromatic_flag 
_chem_comp_atom.pdbx_stereo_config 
_chem_comp_atom.pdbx_ordinal 
ALA N    N N N 1   
ALA CA   C N S 2   
ALA C    C N N 3   
ALA O    O N N 4   
ALA CB   C N N 5   
ALA OXT  O N N 6   
ALA H    H N N 7   
ALA H2   H N N 8   
ALA HA   H N N 9   
ALA HB1  H N N 10  
ALA HB2  H N N 11  
ALA HB3  H N N 12  
ALA HXT  H N N 13  
ARG N    N N N 14  
ARG CA   C N S 15  
ARG C    C N N 16  
ARG O    O N N 17  
ARG CB   C N N 18  
ARG CG   C N N 19  
ARG CD   C N N 20  
ARG NE   N N N 21  
ARG CZ   C N N 22  
ARG NH1  N N N 23  
ARG NH2  N N N 24  
ARG OXT  O N N 25  
ARG H    H N N 26  
ARG H2   H N N 27  
ARG HA   H N N 28  
ARG HB2  H N N 29  
ARG HB3  H N N 30  
ARG HG2  H N N 31  
ARG HG3  H N N 32  
ARG HD2  H N N 33  
ARG HD3  H N N 34  
ARG HE   H N N 35  
ARG HH11 H N N 36  
ARG HH12 H N N 37  
ARG HH21 H N N 38  
ARG HH22 H N N 39  
ARG HXT  H N N 40  
ASN N    N N N 41  
ASN CA   C N S 42  
ASN C    C N N 43  
ASN O    O N N 44  
ASN CB   C N N 45  
ASN CG   C N N 46  
ASN OD1  O N N 47  
ASN ND2  N N N 48  
ASN OXT  O N N 49  
ASN H    H N N 50  
ASN H2   H N N 51  
ASN HA   H N N 52  
ASN HB2  H N N 53  
ASN HB3  H N N 54  
ASN HD21 H N N 55  
ASN HD22 H N N 56  
ASN HXT  H N N 57  
ASP N    N N N 58  
ASP CA   C N S 59  
ASP C    C N N 60  
ASP O    O N N 61  
ASP CB   C N N 62  
ASP CG   C N N 63  
ASP OD1  O N N 64  
ASP OD2  O N N 65  
ASP OXT  O N N 66  
ASP H    H N N 67  
ASP H2   H N N 68  
ASP HA   H N N 69  
ASP HB2  H N N 70  
ASP HB3  H N N 71  
ASP HD2  H N N 72  
ASP HXT  H N N 73  
CYS N    N N N 74  
CYS CA   C N R 75  
CYS C    C N N 76  
CYS O    O N N 77  
CYS CB   C N N 78  
CYS SG   S N N 79  
CYS OXT  O N N 80  
CYS H    H N N 81  
CYS H2   H N N 82  
CYS HA   H N N 83  
CYS HB2  H N N 84  
CYS HB3  H N N 85  
CYS HG   H N N 86  
CYS HXT  H N N 87  
GLN N    N N N 88  
GLN CA   C N S 89  
GLN C    C N N 90  
GLN O    O N N 91  
GLN CB   C N N 92  
GLN CG   C N N 93  
GLN CD   C N N 94  
GLN OE1  O N N 95  
GLN NE2  N N N 96  
GLN OXT  O N N 97  
GLN H    H N N 98  
GLN H2   H N N 99  
GLN HA   H N N 100 
GLN HB2  H N N 101 
GLN HB3  H N N 102 
GLN HG2  H N N 103 
GLN HG3  H N N 104 
GLN HE21 H N N 105 
GLN HE22 H N N 106 
GLN HXT  H N N 107 
GLU N    N N N 108 
GLU CA   C N S 109 
GLU C    C N N 110 
GLU O    O N N 111 
GLU CB   C N N 112 
GLU CG   C N N 113 
GLU CD   C N N 114 
GLU OE1  O N N 115 
GLU OE2  O N N 116 
GLU OXT  O N N 117 
GLU H    H N N 118 
GLU H2   H N N 119 
GLU HA   H N N 120 
GLU HB2  H N N 121 
GLU HB3  H N N 122 
GLU HG2  H N N 123 
GLU HG3  H N N 124 
GLU HE2  H N N 125 
GLU HXT  H N N 126 
GLY N    N N N 127 
GLY CA   C N N 128 
GLY C    C N N 129 
GLY O    O N N 130 
GLY OXT  O N N 131 
GLY H    H N N 132 
GLY H2   H N N 133 
GLY HA2  H N N 134 
GLY HA3  H N N 135 
GLY HXT  H N N 136 
ILE N    N N N 137 
ILE CA   C N S 138 
ILE C    C N N 139 
ILE O    O N N 140 
ILE CB   C N S 141 
ILE CG1  C N N 142 
ILE CG2  C N N 143 
ILE CD1  C N N 144 
ILE OXT  O N N 145 
ILE H    H N N 146 
ILE H2   H N N 147 
ILE HA   H N N 148 
ILE HB   H N N 149 
ILE HG12 H N N 150 
ILE HG13 H N N 151 
ILE HG21 H N N 152 
ILE HG22 H N N 153 
ILE HG23 H N N 154 
ILE HD11 H N N 155 
ILE HD12 H N N 156 
ILE HD13 H N N 157 
ILE HXT  H N N 158 
LEU N    N N N 159 
LEU CA   C N S 160 
LEU C    C N N 161 
LEU O    O N N 162 
LEU CB   C N N 163 
LEU CG   C N N 164 
LEU CD1  C N N 165 
LEU CD2  C N N 166 
LEU OXT  O N N 167 
LEU H    H N N 168 
LEU H2   H N N 169 
LEU HA   H N N 170 
LEU HB2  H N N 171 
LEU HB3  H N N 172 
LEU HG   H N N 173 
LEU HD11 H N N 174 
LEU HD12 H N N 175 
LEU HD13 H N N 176 
LEU HD21 H N N 177 
LEU HD22 H N N 178 
LEU HD23 H N N 179 
LEU HXT  H N N 180 
MET N    N N N 181 
MET CA   C N S 182 
MET C    C N N 183 
MET O    O N N 184 
MET CB   C N N 185 
MET CG   C N N 186 
MET SD   S N N 187 
MET CE   C N N 188 
MET OXT  O N N 189 
MET H    H N N 190 
MET H2   H N N 191 
MET HA   H N N 192 
MET HB2  H N N 193 
MET HB3  H N N 194 
MET HG2  H N N 195 
MET HG3  H N N 196 
MET HE1  H N N 197 
MET HE2  H N N 198 
MET HE3  H N N 199 
MET HXT  H N N 200 
PHE N    N N N 201 
PHE CA   C N S 202 
PHE C    C N N 203 
PHE O    O N N 204 
PHE CB   C N N 205 
PHE CG   C Y N 206 
PHE CD1  C Y N 207 
PHE CD2  C Y N 208 
PHE CE1  C Y N 209 
PHE CE2  C Y N 210 
PHE CZ   C Y N 211 
PHE OXT  O N N 212 
PHE H    H N N 213 
PHE H2   H N N 214 
PHE HA   H N N 215 
PHE HB2  H N N 216 
PHE HB3  H N N 217 
PHE HD1  H N N 218 
PHE HD2  H N N 219 
PHE HE1  H N N 220 
PHE HE2  H N N 221 
PHE HZ   H N N 222 
PHE HXT  H N N 223 
PRO N    N N N 224 
PRO CA   C N S 225 
PRO C    C N N 226 
PRO O    O N N 227 
PRO CB   C N N 228 
PRO CG   C N N 229 
PRO CD   C N N 230 
PRO OXT  O N N 231 
PRO H    H N N 232 
PRO HA   H N N 233 
PRO HB2  H N N 234 
PRO HB3  H N N 235 
PRO HG2  H N N 236 
PRO HG3  H N N 237 
PRO HD2  H N N 238 
PRO HD3  H N N 239 
PRO HXT  H N N 240 
SER N    N N N 241 
SER CA   C N S 242 
SER C    C N N 243 
SER O    O N N 244 
SER CB   C N N 245 
SER OG   O N N 246 
SER OXT  O N N 247 
SER H    H N N 248 
SER H2   H N N 249 
SER HA   H N N 250 
SER HB2  H N N 251 
SER HB3  H N N 252 
SER HG   H N N 253 
SER HXT  H N N 254 
THR N    N N N 255 
THR CA   C N S 256 
THR C    C N N 257 
THR O    O N N 258 
THR CB   C N R 259 
THR OG1  O N N 260 
THR CG2  C N N 261 
THR OXT  O N N 262 
THR H    H N N 263 
THR H2   H N N 264 
THR HA   H N N 265 
THR HB   H N N 266 
THR HG1  H N N 267 
THR HG21 H N N 268 
THR HG22 H N N 269 
THR HG23 H N N 270 
THR HXT  H N N 271 
TRP N    N N N 272 
TRP CA   C N S 273 
TRP C    C N N 274 
TRP O    O N N 275 
TRP CB   C N N 276 
TRP CG   C Y N 277 
TRP CD1  C Y N 278 
TRP CD2  C Y N 279 
TRP NE1  N Y N 280 
TRP CE2  C Y N 281 
TRP CE3  C Y N 282 
TRP CZ2  C Y N 283 
TRP CZ3  C Y N 284 
TRP CH2  C Y N 285 
TRP OXT  O N N 286 
TRP H    H N N 287 
TRP H2   H N N 288 
TRP HA   H N N 289 
TRP HB2  H N N 290 
TRP HB3  H N N 291 
TRP HD1  H N N 292 
TRP HE1  H N N 293 
TRP HE3  H N N 294 
TRP HZ2  H N N 295 
TRP HZ3  H N N 296 
TRP HH2  H N N 297 
TRP HXT  H N N 298 
TYR N    N N N 299 
TYR CA   C N S 300 
TYR C    C N N 301 
TYR O    O N N 302 
TYR CB   C N N 303 
TYR CG   C Y N 304 
TYR CD1  C Y N 305 
TYR CD2  C Y N 306 
TYR CE1  C Y N 307 
TYR CE2  C Y N 308 
TYR CZ   C Y N 309 
TYR OH   O N N 310 
TYR OXT  O N N 311 
TYR H    H N N 312 
TYR H2   H N N 313 
TYR HA   H N N 314 
TYR HB2  H N N 315 
TYR HB3  H N N 316 
TYR HD1  H N N 317 
TYR HD2  H N N 318 
TYR HE1  H N N 319 
TYR HE2  H N N 320 
TYR HH   H N N 321 
TYR HXT  H N N 322 
VAL N    N N N 323 
VAL CA   C N S 324 
VAL C    C N N 325 
VAL O    O N N 326 
VAL CB   C N N 327 
VAL CG1  C N N 328 
VAL CG2  C N N 329 
VAL OXT  O N N 330 
VAL H    H N N 331 
VAL H2   H N N 332 
VAL HA   H N N 333 
VAL HB   H N N 334 
VAL HG11 H N N 335 
VAL HG12 H N N 336 
VAL HG13 H N N 337 
VAL HG21 H N N 338 
VAL HG22 H N N 339 
VAL HG23 H N N 340 
VAL HXT  H N N 341 
# 
loop_
_chem_comp_bond.comp_id 
_chem_comp_bond.atom_id_1 
_chem_comp_bond.atom_id_2 
_chem_comp_bond.value_order 
_chem_comp_bond.pdbx_aromatic_flag 
_chem_comp_bond.pdbx_stereo_config 
_chem_comp_bond.pdbx_ordinal 
ALA N   CA   sing N N 1   
ALA N   H    sing N N 2   
ALA N   H2   sing N N 3   
ALA CA  C    sing N N 4   
ALA CA  CB   sing N N 5   
ALA CA  HA   sing N N 6   
ALA C   O    doub N N 7   
ALA C   OXT  sing N N 8   
ALA CB  HB1  sing N N 9   
ALA CB  HB2  sing N N 10  
ALA CB  HB3  sing N N 11  
ALA OXT HXT  sing N N 12  
ARG N   CA   sing N N 13  
ARG N   H    sing N N 14  
ARG N   H2   sing N N 15  
ARG CA  C    sing N N 16  
ARG CA  CB   sing N N 17  
ARG CA  HA   sing N N 18  
ARG C   O    doub N N 19  
ARG C   OXT  sing N N 20  
ARG CB  CG   sing N N 21  
ARG CB  HB2  sing N N 22  
ARG CB  HB3  sing N N 23  
ARG CG  CD   sing N N 24  
ARG CG  HG2  sing N N 25  
ARG CG  HG3  sing N N 26  
ARG CD  NE   sing N N 27  
ARG CD  HD2  sing N N 28  
ARG CD  HD3  sing N N 29  
ARG NE  CZ   sing N N 30  
ARG NE  HE   sing N N 31  
ARG CZ  NH1  sing N N 32  
ARG CZ  NH2  doub N N 33  
ARG NH1 HH11 sing N N 34  
ARG NH1 HH12 sing N N 35  
ARG NH2 HH21 sing N N 36  
ARG NH2 HH22 sing N N 37  
ARG OXT HXT  sing N N 38  
ASN N   CA   sing N N 39  
ASN N   H    sing N N 40  
ASN N   H2   sing N N 41  
ASN CA  C    sing N N 42  
ASN CA  CB   sing N N 43  
ASN CA  HA   sing N N 44  
ASN C   O    doub N N 45  
ASN C   OXT  sing N N 46  
ASN CB  CG   sing N N 47  
ASN CB  HB2  sing N N 48  
ASN CB  HB3  sing N N 49  
ASN CG  OD1  doub N N 50  
ASN CG  ND2  sing N N 51  
ASN ND2 HD21 sing N N 52  
ASN ND2 HD22 sing N N 53  
ASN OXT HXT  sing N N 54  
ASP N   CA   sing N N 55  
ASP N   H    sing N N 56  
ASP N   H2   sing N N 57  
ASP CA  C    sing N N 58  
ASP CA  CB   sing N N 59  
ASP CA  HA   sing N N 60  
ASP C   O    doub N N 61  
ASP C   OXT  sing N N 62  
ASP CB  CG   sing N N 63  
ASP CB  HB2  sing N N 64  
ASP CB  HB3  sing N N 65  
ASP CG  OD1  doub N N 66  
ASP CG  OD2  sing N N 67  
ASP OD2 HD2  sing N N 68  
ASP OXT HXT  sing N N 69  
CYS N   CA   sing N N 70  
CYS N   H    sing N N 71  
CYS N   H2   sing N N 72  
CYS CA  C    sing N N 73  
CYS CA  CB   sing N N 74  
CYS CA  HA   sing N N 75  
CYS C   O    doub N N 76  
CYS C   OXT  sing N N 77  
CYS CB  SG   sing N N 78  
CYS CB  HB2  sing N N 79  
CYS CB  HB3  sing N N 80  
CYS SG  HG   sing N N 81  
CYS OXT HXT  sing N N 82  
GLN N   CA   sing N N 83  
GLN N   H    sing N N 84  
GLN N   H2   sing N N 85  
GLN CA  C    sing N N 86  
GLN CA  CB   sing N N 87  
GLN CA  HA   sing N N 88  
GLN C   O    doub N N 89  
GLN C   OXT  sing N N 90  
GLN CB  CG   sing N N 91  
GLN CB  HB2  sing N N 92  
GLN CB  HB3  sing N N 93  
GLN CG  CD   sing N N 94  
GLN CG  HG2  sing N N 95  
GLN CG  HG3  sing N N 96  
GLN CD  OE1  doub N N 97  
GLN CD  NE2  sing N N 98  
GLN NE2 HE21 sing N N 99  
GLN NE2 HE22 sing N N 100 
GLN OXT HXT  sing N N 101 
GLU N   CA   sing N N 102 
GLU N   H    sing N N 103 
GLU N   H2   sing N N 104 
GLU CA  C    sing N N 105 
GLU CA  CB   sing N N 106 
GLU CA  HA   sing N N 107 
GLU C   O    doub N N 108 
GLU C   OXT  sing N N 109 
GLU CB  CG   sing N N 110 
GLU CB  HB2  sing N N 111 
GLU CB  HB3  sing N N 112 
GLU CG  CD   sing N N 113 
GLU CG  HG2  sing N N 114 
GLU CG  HG3  sing N N 115 
GLU CD  OE1  doub N N 116 
GLU CD  OE2  sing N N 117 
GLU OE2 HE2  sing N N 118 
GLU OXT HXT  sing N N 119 
GLY N   CA   sing N N 120 
GLY N   H    sing N N 121 
GLY N   H2   sing N N 122 
GLY CA  C    sing N N 123 
GLY CA  HA2  sing N N 124 
GLY CA  HA3  sing N N 125 
GLY C   O    doub N N 126 
GLY C   OXT  sing N N 127 
GLY OXT HXT  sing N N 128 
ILE N   CA   sing N N 129 
ILE N   H    sing N N 130 
ILE N   H2   sing N N 131 
ILE CA  C    sing N N 132 
ILE CA  CB   sing N N 133 
ILE CA  HA   sing N N 134 
ILE C   O    doub N N 135 
ILE C   OXT  sing N N 136 
ILE CB  CG1  sing N N 137 
ILE CB  CG2  sing N N 138 
ILE CB  HB   sing N N 139 
ILE CG1 CD1  sing N N 140 
ILE CG1 HG12 sing N N 141 
ILE CG1 HG13 sing N N 142 
ILE CG2 HG21 sing N N 143 
ILE CG2 HG22 sing N N 144 
ILE CG2 HG23 sing N N 145 
ILE CD1 HD11 sing N N 146 
ILE CD1 HD12 sing N N 147 
ILE CD1 HD13 sing N N 148 
ILE OXT HXT  sing N N 149 
LEU N   CA   sing N N 150 
LEU N   H    sing N N 151 
LEU N   H2   sing N N 152 
LEU CA  C    sing N N 153 
LEU CA  CB   sing N N 154 
LEU CA  HA   sing N N 155 
LEU C   O    doub N N 156 
LEU C   OXT  sing N N 157 
LEU CB  CG   sing N N 158 
LEU CB  HB2  sing N N 159 
LEU CB  HB3  sing N N 160 
LEU CG  CD1  sing N N 161 
LEU CG  CD2  sing N N 162 
LEU CG  HG   sing N N 163 
LEU CD1 HD11 sing N N 164 
LEU CD1 HD12 sing N N 165 
LEU CD1 HD13 sing N N 166 
LEU CD2 HD21 sing N N 167 
LEU CD2 HD22 sing N N 168 
LEU CD2 HD23 sing N N 169 
LEU OXT HXT  sing N N 170 
MET N   CA   sing N N 171 
MET N   H    sing N N 172 
MET N   H2   sing N N 173 
MET CA  C    sing N N 174 
MET CA  CB   sing N N 175 
MET CA  HA   sing N N 176 
MET C   O    doub N N 177 
MET C   OXT  sing N N 178 
MET CB  CG   sing N N 179 
MET CB  HB2  sing N N 180 
MET CB  HB3  sing N N 181 
MET CG  SD   sing N N 182 
MET CG  HG2  sing N N 183 
MET CG  HG3  sing N N 184 
MET SD  CE   sing N N 185 
MET CE  HE1  sing N N 186 
MET CE  HE2  sing N N 187 
MET CE  HE3  sing N N 188 
MET OXT HXT  sing N N 189 
PHE N   CA   sing N N 190 
PHE N   H    sing N N 191 
PHE N   H2   sing N N 192 
PHE CA  C    sing N N 193 
PHE CA  CB   sing N N 194 
PHE CA  HA   sing N N 195 
PHE C   O    doub N N 196 
PHE C   OXT  sing N N 197 
PHE CB  CG   sing N N 198 
PHE CB  HB2  sing N N 199 
PHE CB  HB3  sing N N 200 
PHE CG  CD1  doub Y N 201 
PHE CG  CD2  sing Y N 202 
PHE CD1 CE1  sing Y N 203 
PHE CD1 HD1  sing N N 204 
PHE CD2 CE2  doub Y N 205 
PHE CD2 HD2  sing N N 206 
PHE CE1 CZ   doub Y N 207 
PHE CE1 HE1  sing N N 208 
PHE CE2 CZ   sing Y N 209 
PHE CE2 HE2  sing N N 210 
PHE CZ  HZ   sing N N 211 
PHE OXT HXT  sing N N 212 
PRO N   CA   sing N N 213 
PRO N   CD   sing N N 214 
PRO N   H    sing N N 215 
PRO CA  C    sing N N 216 
PRO CA  CB   sing N N 217 
PRO CA  HA   sing N N 218 
PRO C   O    doub N N 219 
PRO C   OXT  sing N N 220 
PRO CB  CG   sing N N 221 
PRO CB  HB2  sing N N 222 
PRO CB  HB3  sing N N 223 
PRO CG  CD   sing N N 224 
PRO CG  HG2  sing N N 225 
PRO CG  HG3  sing N N 226 
PRO CD  HD2  sing N N 227 
PRO CD  HD3  sing N N 228 
PRO OXT HXT  sing N N 229 
SER N   CA   sing N N 230 
SER N   H    sing N N 231 
SER N   H2   sing N N 232 
SER CA  C    sing N N 233 
SER CA  CB   sing N N 234 
SER CA  HA   sing N N 235 
SER C   O    doub N N 236 
SER C   OXT  sing N N 237 
SER CB  OG   sing N N 238 
SER CB  HB2  sing N N 239 
SER CB  HB3  sing N N 240 
SER OG  HG   sing N N 241 
SER OXT HXT  sing N N 242 
THR N   CA   sing N N 243 
THR N   H    sing N N 244 
THR N   H2   sing N N 245 
THR CA  C    sing N N 246 
THR CA  CB   sing N N 247 
THR CA  HA   sing N N 248 
THR C   O    doub N N 249 
THR C   OXT  sing N N 250 
THR CB  OG1  sing N N 251 
THR CB  CG2  sing N N 252 
THR CB  HB   sing N N 253 
THR OG1 HG1  sing N N 254 
THR CG2 HG21 sing N N 255 
THR CG2 HG22 sing N N 256 
THR CG2 HG23 sing N N 257 
THR OXT HXT  sing N N 258 
TRP N   CA   sing N N 259 
TRP N   H    sing N N 260 
TRP N   H2   sing N N 261 
TRP CA  C    sing N N 262 
TRP CA  CB   sing N N 263 
TRP CA  HA   sing N N 264 
TRP C   O    doub N N 265 
TRP C   OXT  sing N N 266 
TRP CB  CG   sing N N 267 
TRP CB  HB2  sing N N 268 
TRP CB  HB3  sing N N 269 
TRP CG  CD1  doub Y N 270 
TRP CG  CD2  sing Y N 271 
TRP CD1 NE1  sing Y N 272 
TRP CD1 HD1  sing N N 273 
TRP CD2 CE2  doub Y N 274 
TRP CD2 CE3  sing Y N 275 
TRP NE1 CE2  sing Y N 276 
TRP NE1 HE1  sing N N 277 
TRP CE2 CZ2  sing Y N 278 
TRP CE3 CZ3  doub Y N 279 
TRP CE3 HE3  sing N N 280 
TRP CZ2 CH2  doub Y N 281 
TRP CZ2 HZ2  sing N N 282 
TRP CZ3 CH2  sing Y N 283 
TRP CZ3 HZ3  sing N N 284 
TRP CH2 HH2  sing N N 285 
TRP OXT HXT  sing N N 286 
TYR N   CA   sing N N 287 
TYR N   H    sing N N 288 
TYR N   H2   sing N N 289 
TYR CA  C    sing N N 290 
TYR CA  CB   sing N N 291 
TYR CA  HA   sing N N 292 
TYR C   O    doub N N 293 
TYR C   OXT  sing N N 294 
TYR CB  CG   sing N N 295 
TYR CB  HB2  sing N N 296 
TYR CB  HB3  sing N N 297 
TYR CG  CD1  doub Y N 298 
TYR CG  CD2  sing Y N 299 
TYR CD1 CE1  sing Y N 300 
TYR CD1 HD1  sing N N 301 
TYR CD2 CE2  doub Y N 302 
TYR CD2 HD2  sing N N 303 
TYR CE1 CZ   doub Y N 304 
TYR CE1 HE1  sing N N 305 
TYR CE2 CZ   sing Y N 306 
TYR CE2 HE2  sing N N 307 
TYR CZ  OH   sing N N 308 
TYR OH  HH   sing N N 309 
TYR OXT HXT  sing N N 310 
VAL N   CA   sing N N 311 
VAL N   H    sing N N 312 
VAL N   H2   sing N N 313 
VAL CA  C    sing N N 314 
VAL CA  CB   sing N N 315 
VAL CA  HA   sing N N 316 
VAL C   O    doub N N 317 
VAL C   OXT  sing N N 318 
VAL CB  CG1  sing N N 319 
VAL CB  CG2  sing N N 320 
VAL CB  HB   sing N N 321 
VAL CG1 HG11 sing N N 322 
VAL CG1 HG12 sing N N 323 
VAL CG1 HG13 sing N N 324 
VAL CG2 HG21 sing N N 325 
VAL CG2 HG22 sing N N 326 
VAL CG2 HG23 sing N N 327 
VAL OXT HXT  sing N N 328 
# 
loop_
_pdbx_nmr_spectrometer.spectrometer_id 
_pdbx_nmr_spectrometer.model 
_pdbx_nmr_spectrometer.manufacturer 
_pdbx_nmr_spectrometer.field_strength 
1 DRX Bruker 500 
2 DRX Bruker 600 
# 
_atom_sites.entry_id                    1QLD 
_atom_sites.fract_transf_matrix[1][1]   1.000000 
_atom_sites.fract_transf_matrix[1][2]   0.000000 
_atom_sites.fract_transf_matrix[1][3]   0.000000 
_atom_sites.fract_transf_matrix[2][1]   0.000000 
_atom_sites.fract_transf_matrix[2][2]   1.000000 
_atom_sites.fract_transf_matrix[2][3]   0.000000 
_atom_sites.fract_transf_matrix[3][1]   0.000000 
_atom_sites.fract_transf_matrix[3][2]   0.000000 
_atom_sites.fract_transf_matrix[3][3]   1.000000 
_atom_sites.fract_transf_vector[1]      0.00000 
_atom_sites.fract_transf_vector[2]      0.00000 
_atom_sites.fract_transf_vector[3]      0.00000 
# 
loop_
_atom_type.symbol 
C 
H 
N 
O 
S 
# 
loop_
_atom_site.group_PDB 
_atom_site.id 
_atom_site.type_symbol 
_atom_site.label_atom_id 
_atom_site.label_alt_id 
_atom_site.label_comp_id 
_atom_site.label_asym_id 
_atom_site.label_entity_id 
_atom_site.label_seq_id 
_atom_site.pdbx_PDB_ins_code 
_atom_site.Cartn_x 
_atom_site.Cartn_y 
_atom_site.Cartn_z 
_atom_site.occupancy 
_atom_site.B_iso_or_equiv 
_atom_site.pdbx_formal_charge 
_atom_site.auth_seq_id 
_atom_site.auth_comp_id 
_atom_site.auth_asym_id 
_atom_site.auth_atom_id 
_atom_site.pdbx_PDB_model_num 
ATOM 1   N N    . MET A 1 1  ? 10.058  -13.445 -1.390  1.00 4.07 ? 20 MET A N    1 
ATOM 2   C CA   . MET A 1 1  ? 9.668   -12.200 -0.670  1.00 3.59 ? 20 MET A CA   1 
ATOM 3   C C    . MET A 1 1  ? 8.162   -12.217 -0.397  1.00 2.83 ? 20 MET A C    1 
ATOM 4   O O    . MET A 1 1  ? 7.494   -13.208 -0.616  1.00 3.30 ? 20 MET A O    1 
ATOM 5   C CB   . MET A 1 1  ? 10.017  -10.983 -1.529  1.00 4.38 ? 20 MET A CB   1 
ATOM 6   C CG   . MET A 1 1  ? 11.532  -10.919 -1.733  1.00 5.12 ? 20 MET A CG   1 
ATOM 7   S SD   . MET A 1 1  ? 12.354  -10.812 -0.124  1.00 6.28 ? 20 MET A SD   1 
ATOM 8   C CE   . MET A 1 1  ? 13.979  -11.397 -0.659  1.00 7.00 ? 20 MET A CE   1 
ATOM 9   H H1   . MET A 1 1  ? 9.497   -14.244 -1.030  1.00 4.22 ? 20 MET A H1   1 
ATOM 10  H H2   . MET A 1 1  ? 9.875   -13.329 -2.407  1.00 4.34 ? 20 MET A H2   1 
ATOM 11  H H3   . MET A 1 1  ? 11.070  -13.631 -1.237  1.00 4.49 ? 20 MET A H3   1 
ATOM 12  H HA   . MET A 1 1  ? 10.202  -12.144 0.267   1.00 3.83 ? 20 MET A HA   1 
ATOM 13  H HB2  . MET A 1 1  ? 9.527   -11.068 -2.487  1.00 4.82 ? 20 MET A HB2  1 
ATOM 14  H HB3  . MET A 1 1  ? 9.685   -10.083 -1.031  1.00 4.46 ? 20 MET A HB3  1 
ATOM 15  H HG2  . MET A 1 1  ? 11.864  -11.809 -2.248  1.00 5.18 ? 20 MET A HG2  1 
ATOM 16  H HG3  . MET A 1 1  ? 11.779  -10.049 -2.322  1.00 5.32 ? 20 MET A HG3  1 
ATOM 17  H HE1  . MET A 1 1  ? 13.880  -11.918 -1.602  1.00 7.22 ? 20 MET A HE1  1 
ATOM 18  H HE2  . MET A 1 1  ? 14.644  -10.553 -0.776  1.00 7.20 ? 20 MET A HE2  1 
ATOM 19  H HE3  . MET A 1 1  ? 14.383  -12.071 0.081   1.00 7.33 ? 20 MET A HE3  1 
ATOM 20  N N    . GLY A 1 2  ? 7.624   -11.128 0.079   1.00 2.22 ? 21 GLY A N    1 
ATOM 21  C CA   . GLY A 1 2  ? 6.161   -11.084 0.364   1.00 2.12 ? 21 GLY A CA   1 
ATOM 22  C C    . GLY A 1 2  ? 5.745   -9.649  0.692   1.00 1.55 ? 21 GLY A C    1 
ATOM 23  O O    . GLY A 1 2  ? 5.229   -9.371  1.757   1.00 1.79 ? 21 GLY A O    1 
ATOM 24  H H    . GLY A 1 2  ? 8.179   -10.339 0.249   1.00 2.42 ? 21 GLY A H    1 
ATOM 25  H HA2  . GLY A 1 2  ? 5.615   -11.430 -0.503  1.00 2.75 ? 21 GLY A HA2  1 
ATOM 26  H HA3  . GLY A 1 2  ? 5.939   -11.722 1.206   1.00 2.54 ? 21 GLY A HA3  1 
ATOM 27  N N    . ASN A 1 3  ? 5.965   -8.737  -0.214  1.00 1.16 ? 22 ASN A N    1 
ATOM 28  C CA   . ASN A 1 3  ? 5.581   -7.321  0.048   1.00 0.68 ? 22 ASN A CA   1 
ATOM 29  C C    . ASN A 1 3  ? 4.209   -7.043  -0.571  1.00 0.58 ? 22 ASN A C    1 
ATOM 30  O O    . ASN A 1 3  ? 3.791   -7.707  -1.498  1.00 0.80 ? 22 ASN A O    1 
ATOM 31  C CB   . ASN A 1 3  ? 6.620   -6.386  -0.574  1.00 0.89 ? 22 ASN A CB   1 
ATOM 32  C CG   . ASN A 1 3  ? 7.352   -5.625  0.533   1.00 1.81 ? 22 ASN A CG   1 
ATOM 33  O OD1  . ASN A 1 3  ? 7.162   -5.899  1.701   1.00 2.57 ? 22 ASN A OD1  1 
ATOM 34  N ND2  . ASN A 1 3  ? 8.184   -4.673  0.212   1.00 2.55 ? 22 ASN A ND2  1 
ATOM 35  H H    . ASN A 1 3  ? 6.381   -8.981  -1.066  1.00 1.49 ? 22 ASN A H    1 
ATOM 36  H HA   . ASN A 1 3  ? 5.536   -7.151  1.113   1.00 0.77 ? 22 ASN A HA   1 
ATOM 37  H HB2  . ASN A 1 3  ? 7.331   -6.967  -1.143  1.00 1.40 ? 22 ASN A HB2  1 
ATOM 38  H HB3  . ASN A 1 3  ? 6.126   -5.682  -1.227  1.00 1.39 ? 22 ASN A HB3  1 
ATOM 39  H HD21 . ASN A 1 3  ? 8.338   -4.451  -0.730  1.00 2.67 ? 22 ASN A HD21 1 
ATOM 40  H HD22 . ASN A 1 3  ? 8.658   -4.180  0.914   1.00 3.34 ? 22 ASN A HD22 1 
ATOM 41  N N    . GLN A 1 4  ? 3.505   -6.067  -0.067  1.00 0.43 ? 23 GLN A N    1 
ATOM 42  C CA   . GLN A 1 4  ? 2.161   -5.751  -0.629  1.00 0.39 ? 23 GLN A CA   1 
ATOM 43  C C    . GLN A 1 4  ? 2.152   -4.324  -1.166  1.00 0.36 ? 23 GLN A C    1 
ATOM 44  O O    . GLN A 1 4  ? 2.918   -3.474  -0.736  1.00 0.36 ? 23 GLN A O    1 
ATOM 45  C CB   . GLN A 1 4  ? 1.106   -5.867  0.462   1.00 0.44 ? 23 GLN A CB   1 
ATOM 46  C CG   . GLN A 1 4  ? 1.146   -7.268  1.072   1.00 0.51 ? 23 GLN A CG   1 
ATOM 47  C CD   . GLN A 1 4  ? 0.364   -7.276  2.387   1.00 0.80 ? 23 GLN A CD   1 
ATOM 48  O OE1  . GLN A 1 4  ? 0.680   -6.537  3.298   1.00 1.55 ? 23 GLN A OE1  1 
ATOM 49  N NE2  . GLN A 1 4  ? -0.649  -8.087  2.525   1.00 1.02 ? 23 GLN A NE2  1 
ATOM 50  H H    . GLN A 1 4  ? 3.859   -5.542  0.681   1.00 0.52 ? 23 GLN A H    1 
ATOM 51  H HA   . GLN A 1 4  ? 1.932   -6.440  -1.429  1.00 0.47 ? 23 GLN A HA   1 
ATOM 52  H HB2  . GLN A 1 4  ? 1.304   -5.131  1.223   1.00 0.45 ? 23 GLN A HB2  1 
ATOM 53  H HB3  . GLN A 1 4  ? 0.134   -5.685  0.040   1.00 0.52 ? 23 GLN A HB3  1 
ATOM 54  H HG2  . GLN A 1 4  ? 0.700   -7.971  0.382   1.00 0.62 ? 23 GLN A HG2  1 
ATOM 55  H HG3  . GLN A 1 4  ? 2.170   -7.550  1.261   1.00 0.56 ? 23 GLN A HG3  1 
ATOM 56  H HE21 . GLN A 1 4  ? -0.903  -8.683  1.790   1.00 1.49 ? 23 GLN A HE21 1 
ATOM 57  H HE22 . GLN A 1 4  ? -1.155  -8.099  3.364   1.00 1.18 ? 23 GLN A HE22 1 
ATOM 58  N N    . GLN A 1 5  ? 1.288   -4.043  -2.101  1.00 0.42 ? 24 GLN A N    1 
ATOM 59  C CA   . GLN A 1 5  ? 1.256   -2.663  -2.641  1.00 0.45 ? 24 GLN A CA   1 
ATOM 60  C C    . GLN A 1 5  ? -0.120  -2.033  -2.509  1.00 0.41 ? 24 GLN A C    1 
ATOM 61  O O    . GLN A 1 5  ? -1.071  -2.648  -2.077  1.00 0.38 ? 24 GLN A O    1 
ATOM 62  C CB   . GLN A 1 5  ? 1.702   -2.650  -4.102  1.00 0.56 ? 24 GLN A CB   1 
ATOM 63  C CG   . GLN A 1 5  ? 2.990   -1.835  -4.236  1.00 0.69 ? 24 GLN A CG   1 
ATOM 64  C CD   . GLN A 1 5  ? 3.752   -2.283  -5.484  1.00 1.04 ? 24 GLN A CD   1 
ATOM 65  O OE1  . GLN A 1 5  ? 3.298   -3.145  -6.210  1.00 1.74 ? 24 GLN A OE1  1 
ATOM 66  N NE2  . GLN A 1 5  ? 4.899   -1.729  -5.768  1.00 1.44 ? 24 GLN A NE2  1 
ATOM 67  H H    . GLN A 1 5  ? 0.677   -4.730  -2.436  1.00 0.49 ? 24 GLN A H    1 
ATOM 68  H HA   . GLN A 1 5  ? 1.927   -2.074  -2.061  1.00 0.49 ? 24 GLN A HA   1 
ATOM 69  H HB2  . GLN A 1 5  ? 1.880   -3.661  -4.434  1.00 0.63 ? 24 GLN A HB2  1 
ATOM 70  H HB3  . GLN A 1 5  ? 0.931   -2.200  -4.708  1.00 0.70 ? 24 GLN A HB3  1 
ATOM 71  H HG2  . GLN A 1 5  ? 2.745   -0.786  -4.319  1.00 0.92 ? 24 GLN A HG2  1 
ATOM 72  H HG3  . GLN A 1 5  ? 3.608   -1.993  -3.364  1.00 0.90 ? 24 GLN A HG3  1 
ATOM 73  H HE21 . GLN A 1 5  ? 5.265   -1.034  -5.182  1.00 1.90 ? 24 GLN A HE21 1 
ATOM 74  H HE22 . GLN A 1 5  ? 5.394   -2.010  -6.565  1.00 1.70 ? 24 GLN A HE22 1 
ATOM 75  N N    . CYS A 1 6  ? -0.199  -0.773  -2.828  1.00 0.46 ? 25 CYS A N    1 
ATOM 76  C CA   . CYS A 1 6  ? -1.462  -0.036  -2.674  1.00 0.45 ? 25 CYS A CA   1 
ATOM 77  C C    . CYS A 1 6  ? -2.015  0.419   -4.013  1.00 0.41 ? 25 CYS A C    1 
ATOM 78  O O    . CYS A 1 6  ? -1.870  1.566   -4.373  1.00 0.50 ? 25 CYS A O    1 
ATOM 79  C CB   . CYS A 1 6  ? -1.165  1.212   -1.847  1.00 0.47 ? 25 CYS A CB   1 
ATOM 80  S SG   . CYS A 1 6  ? -0.084  0.759   -0.482  1.00 0.57 ? 25 CYS A SG   1 
ATOM 81  H H    . CYS A 1 6  ? 0.594   -0.294  -3.124  1.00 0.51 ? 25 CYS A H    1 
ATOM 82  H HA   . CYS A 1 6  ? -2.185  -0.649  -2.162  1.00 0.48 ? 25 CYS A HA   1 
ATOM 83  H HB2  . CYS A 1 6  ? -0.659  1.935   -2.475  1.00 0.44 ? 25 CYS A HB2  1 
ATOM 84  H HB3  . CYS A 1 6  ? -2.086  1.628   -1.461  1.00 0.49 ? 25 CYS A HB3  1 
ATOM 85  N N    . ASN A 1 7  ? -2.704  -0.425  -4.726  1.00 0.39 ? 26 ASN A N    1 
ATOM 86  C CA   . ASN A 1 7  ? -3.315  0.059   -5.986  1.00 0.37 ? 26 ASN A CA   1 
ATOM 87  C C    . ASN A 1 7  ? -4.224  1.187   -5.531  1.00 0.30 ? 26 ASN A C    1 
ATOM 88  O O    . ASN A 1 7  ? -5.364  0.975   -5.166  1.00 0.28 ? 26 ASN A O    1 
ATOM 89  C CB   . ASN A 1 7  ? -4.136  -1.054  -6.644  1.00 0.40 ? 26 ASN A CB   1 
ATOM 90  C CG   . ASN A 1 7  ? -5.051  -0.447  -7.711  1.00 0.56 ? 26 ASN A CG   1 
ATOM 91  O OD1  . ASN A 1 7  ? -6.075  0.126   -7.394  1.00 1.34 ? 26 ASN A OD1  1 
ATOM 92  N ND2  . ASN A 1 7  ? -4.722  -0.549  -8.969  1.00 0.96 ? 26 ASN A ND2  1 
ATOM 93  H H    . ASN A 1 7  ? -2.863  -1.331  -4.409  1.00 0.48 ? 26 ASN A H    1 
ATOM 94  H HA   . ASN A 1 7  ? -2.555  0.430   -6.658  1.00 0.41 ? 26 ASN A HA   1 
ATOM 95  H HB2  . ASN A 1 7  ? -3.468  -1.771  -7.110  1.00 0.50 ? 26 ASN A HB2  1 
ATOM 96  H HB3  . ASN A 1 7  ? -4.742  -1.549  -5.892  1.00 0.48 ? 26 ASN A HB3  1 
ATOM 97  H HD21 . ASN A 1 7  ? -3.896  -1.011  -9.225  1.00 1.65 ? 26 ASN A HD21 1 
ATOM 98  H HD22 . ASN A 1 7  ? -5.300  -0.164  -9.659  1.00 0.98 ? 26 ASN A HD22 1 
ATOM 99  N N    . TRP A 1 8  ? -3.693  2.371   -5.451  1.00 0.32 ? 27 TRP A N    1 
ATOM 100 C CA   . TRP A 1 8  ? -4.485  3.498   -4.914  1.00 0.29 ? 27 TRP A CA   1 
ATOM 101 C C    . TRP A 1 8  ? -5.448  4.021   -5.968  1.00 0.27 ? 27 TRP A C    1 
ATOM 102 O O    . TRP A 1 8  ? -5.069  4.773   -6.838  1.00 0.34 ? 27 TRP A O    1 
ATOM 103 C CB   . TRP A 1 8  ? -3.536  4.626   -4.509  1.00 0.37 ? 27 TRP A CB   1 
ATOM 104 C CG   . TRP A 1 8  ? -4.103  5.337   -3.346  1.00 0.37 ? 27 TRP A CG   1 
ATOM 105 C CD1  . TRP A 1 8  ? -4.203  6.670   -3.233  1.00 0.45 ? 27 TRP A CD1  1 
ATOM 106 C CD2  . TRP A 1 8  ? -4.640  4.771   -2.127  1.00 0.31 ? 27 TRP A CD2  1 
ATOM 107 N NE1  . TRP A 1 8  ? -4.790  6.972   -2.016  1.00 0.45 ? 27 TRP A NE1  1 
ATOM 108 C CE2  . TRP A 1 8  ? -5.077  5.827   -1.297  1.00 0.37 ? 27 TRP A CE2  1 
ATOM 109 C CE3  . TRP A 1 8  ? -4.792  3.452   -1.667  1.00 0.24 ? 27 TRP A CE3  1 
ATOM 110 C CZ2  . TRP A 1 8  ? -5.651  5.583   -0.050  1.00 0.35 ? 27 TRP A CZ2  1 
ATOM 111 C CZ3  . TRP A 1 8  ? -5.363  3.206   -0.421  1.00 0.22 ? 27 TRP A CZ3  1 
ATOM 112 C CH2  . TRP A 1 8  ? -5.795  4.267   0.389   1.00 0.28 ? 27 TRP A CH2  1 
ATOM 113 H H    . TRP A 1 8  ? -2.752  2.504   -5.683  1.00 0.40 ? 27 TRP A H    1 
ATOM 114 H HA   . TRP A 1 8  ? -5.038  3.152   -4.048  1.00 0.26 ? 27 TRP A HA   1 
ATOM 115 H HB2  . TRP A 1 8  ? -2.571  4.225   -4.244  1.00 0.41 ? 27 TRP A HB2  1 
ATOM 116 H HB3  . TRP A 1 8  ? -3.429  5.321   -5.336  1.00 0.42 ? 27 TRP A HB3  1 
ATOM 117 H HD1  . TRP A 1 8  ? -3.881  7.377   -3.975  1.00 0.51 ? 27 TRP A HD1  1 
ATOM 118 H HE1  . TRP A 1 8  ? -4.985  7.875   -1.690  1.00 0.51 ? 27 TRP A HE1  1 
ATOM 119 H HE3  . TRP A 1 8  ? -4.459  2.618   -2.275  1.00 0.23 ? 27 TRP A HE3  1 
ATOM 120 H HZ2  . TRP A 1 8  ? -5.981  6.405   0.569   1.00 0.41 ? 27 TRP A HZ2  1 
ATOM 121 H HZ3  . TRP A 1 8  ? -5.472  2.192   -0.088  1.00 0.20 ? 27 TRP A HZ3  1 
ATOM 122 H HH2  . TRP A 1 8  ? -6.239  4.065   1.351   1.00 0.29 ? 27 TRP A HH2  1 
ATOM 123 N N    . TYR A 1 9  ? -6.692  3.647   -5.887  1.00 0.19 ? 28 TYR A N    1 
ATOM 124 C CA   . TYR A 1 9  ? -7.683  4.140   -6.887  1.00 0.21 ? 28 TYR A CA   1 
ATOM 125 C C    . TYR A 1 9  ? -7.017  4.359   -8.254  1.00 0.25 ? 28 TYR A C    1 
ATOM 126 O O    . TYR A 1 9  ? -7.447  5.185   -9.033  1.00 0.30 ? 28 TYR A O    1 
ATOM 127 C CB   . TYR A 1 9  ? -8.291  5.457   -6.406  1.00 0.28 ? 28 TYR A CB   1 
ATOM 128 C CG   . TYR A 1 9  ? -8.557  5.390   -4.917  1.00 0.39 ? 28 TYR A CG   1 
ATOM 129 C CD1  . TYR A 1 9  ? -9.724  4.780   -4.444  1.00 1.10 ? 28 TYR A CD1  1 
ATOM 130 C CD2  . TYR A 1 9  ? -7.640  5.941   -4.011  1.00 1.45 ? 28 TYR A CD2  1 
ATOM 131 C CE1  . TYR A 1 9  ? -9.978  4.719   -3.068  1.00 1.09 ? 28 TYR A CE1  1 
ATOM 132 C CE2  . TYR A 1 9  ? -7.897  5.880   -2.634  1.00 1.57 ? 28 TYR A CE2  1 
ATOM 133 C CZ   . TYR A 1 9  ? -9.065  5.270   -2.164  1.00 0.69 ? 28 TYR A CZ   1 
ATOM 134 O OH   . TYR A 1 9  ? -9.318  5.215   -0.809  1.00 0.84 ? 28 TYR A OH   1 
ATOM 135 H H    . TYR A 1 9  ? -6.982  3.050   -5.154  1.00 0.17 ? 28 TYR A H    1 
ATOM 136 H HA   . TYR A 1 9  ? -8.458  3.412   -6.995  1.00 0.22 ? 28 TYR A HA   1 
ATOM 137 H HB2  . TYR A 1 9  ? -7.599  6.259   -6.612  1.00 0.32 ? 28 TYR A HB2  1 
ATOM 138 H HB3  . TYR A 1 9  ? -9.225  5.633   -6.929  1.00 0.29 ? 28 TYR A HB3  1 
ATOM 139 H HD1  . TYR A 1 9  ? -10.428 4.362   -5.139  1.00 2.02 ? 28 TYR A HD1  1 
ATOM 140 H HD2  . TYR A 1 9  ? -6.740  6.412   -4.374  1.00 2.32 ? 28 TYR A HD2  1 
ATOM 141 H HE1  . TYR A 1 9  ? -10.877 4.240   -2.703  1.00 1.94 ? 28 TYR A HE1  1 
ATOM 142 H HE2  . TYR A 1 9  ? -7.193  6.305   -1.935  1.00 2.51 ? 28 TYR A HE2  1 
ATOM 143 H HH   . TYR A 1 9  ? -9.709  6.052   -0.548  1.00 0.97 ? 28 TYR A HH   1 
ATOM 144 N N    . GLY A 1 10 ? -5.979  3.625   -8.557  1.00 0.28 ? 29 GLY A N    1 
ATOM 145 C CA   . GLY A 1 10 ? -5.305  3.799   -9.878  1.00 0.36 ? 29 GLY A CA   1 
ATOM 146 C C    . GLY A 1 10 ? -3.799  3.997   -9.679  1.00 0.45 ? 29 GLY A C    1 
ATOM 147 O O    . GLY A 1 10 ? -2.991  3.392   -10.353 1.00 0.88 ? 29 GLY A O    1 
ATOM 148 H H    . GLY A 1 10 ? -5.645  2.962   -7.922  1.00 0.29 ? 29 GLY A H    1 
ATOM 149 H HA2  . GLY A 1 10 ? -5.476  2.920   -10.484 1.00 0.39 ? 29 GLY A HA2  1 
ATOM 150 H HA3  . GLY A 1 10 ? -5.714  4.664   -10.377 1.00 0.41 ? 29 GLY A HA3  1 
ATOM 151 N N    . THR A 1 11 ? -3.416  4.847   -8.764  1.00 0.51 ? 30 THR A N    1 
ATOM 152 C CA   . THR A 1 11 ? -1.964  5.089   -8.530  1.00 0.52 ? 30 THR A CA   1 
ATOM 153 C C    . THR A 1 11 ? -1.348  3.885   -7.817  1.00 0.51 ? 30 THR A C    1 
ATOM 154 O O    . THR A 1 11 ? -2.011  2.906   -7.544  1.00 0.95 ? 30 THR A O    1 
ATOM 155 C CB   . THR A 1 11 ? -1.791  6.339   -7.661  1.00 0.62 ? 30 THR A CB   1 
ATOM 156 O OG1  . THR A 1 11 ? -2.863  7.237   -7.910  1.00 0.74 ? 30 THR A OG1  1 
ATOM 157 C CG2  . THR A 1 11 ? -0.463  7.017   -7.999  1.00 0.72 ? 30 THR A CG2  1 
ATOM 158 H H    . THR A 1 11 ? -4.083  5.327   -8.236  1.00 0.84 ? 30 THR A H    1 
ATOM 159 H HA   . THR A 1 11 ? -1.468  5.240   -9.476  1.00 0.56 ? 30 THR A HA   1 
ATOM 160 H HB   . THR A 1 11 ? -1.791  6.056   -6.620  1.00 0.63 ? 30 THR A HB   1 
ATOM 161 H HG1  . THR A 1 11 ? -2.608  8.101   -7.578  1.00 1.14 ? 30 THR A HG1  1 
ATOM 162 H HG21 . THR A 1 11 ? -0.040  6.561   -8.882  1.00 1.32 ? 30 THR A HG21 1 
ATOM 163 H HG22 . THR A 1 11 ? -0.633  8.068   -8.184  1.00 1.07 ? 30 THR A HG22 1 
ATOM 164 H HG23 . THR A 1 11 ? 0.220   6.903   -7.171  1.00 1.32 ? 30 THR A HG23 1 
ATOM 165 N N    . LEU A 1 12 ? -0.077  3.948   -7.521  1.00 0.46 ? 31 LEU A N    1 
ATOM 166 C CA   . LEU A 1 12 ? 0.587   2.807   -6.833  1.00 0.41 ? 31 LEU A CA   1 
ATOM 167 C C    . LEU A 1 12 ? 1.441   3.327   -5.676  1.00 0.37 ? 31 LEU A C    1 
ATOM 168 O O    . LEU A 1 12 ? 2.256   4.213   -5.841  1.00 0.43 ? 31 LEU A O    1 
ATOM 169 C CB   . LEU A 1 12 ? 1.484   2.081   -7.834  1.00 0.49 ? 31 LEU A CB   1 
ATOM 170 C CG   . LEU A 1 12 ? 0.783   0.820   -8.340  1.00 0.71 ? 31 LEU A CG   1 
ATOM 171 C CD1  . LEU A 1 12 ? 0.543   -0.136  -7.171  1.00 1.44 ? 31 LEU A CD1  1 
ATOM 172 C CD2  . LEU A 1 12 ? -0.556  1.201   -8.975  1.00 1.42 ? 31 LEU A CD2  1 
ATOM 173 H H    . LEU A 1 12 ? 0.443   4.742   -7.758  1.00 0.81 ? 31 LEU A H    1 
ATOM 174 H HA   . LEU A 1 12 ? -0.160  2.125   -6.452  1.00 0.41 ? 31 LEU A HA   1 
ATOM 175 H HB2  . LEU A 1 12 ? 1.689   2.741   -8.665  1.00 0.58 ? 31 LEU A HB2  1 
ATOM 176 H HB3  . LEU A 1 12 ? 2.412   1.808   -7.352  1.00 0.86 ? 31 LEU A HB3  1 
ATOM 177 H HG   . LEU A 1 12 ? 1.408   0.335   -9.076  1.00 1.57 ? 31 LEU A HG   1 
ATOM 178 H HD11 . LEU A 1 12 ? 1.299   0.019   -6.417  1.00 2.06 ? 31 LEU A HD11 1 
ATOM 179 H HD12 . LEU A 1 12 ? -0.433  0.052   -6.747  1.00 2.06 ? 31 LEU A HD12 1 
ATOM 180 H HD13 . LEU A 1 12 ? 0.590   -1.155  -7.525  1.00 1.87 ? 31 LEU A HD13 1 
ATOM 181 H HD21 . LEU A 1 12 ? -0.532  2.240   -9.269  1.00 2.02 ? 31 LEU A HD21 1 
ATOM 182 H HD22 . LEU A 1 12 ? -0.729  0.585   -9.846  1.00 1.86 ? 31 LEU A HD22 1 
ATOM 183 H HD23 . LEU A 1 12 ? -1.351  1.046   -8.261  1.00 2.04 ? 31 LEU A HD23 1 
ATOM 184 N N    . TYR A 1 13 ? 1.263   2.778   -4.508  1.00 0.34 ? 32 TYR A N    1 
ATOM 185 C CA   . TYR A 1 13 ? 2.066   3.228   -3.337  1.00 0.32 ? 32 TYR A CA   1 
ATOM 186 C C    . TYR A 1 13 ? 2.579   1.998   -2.585  1.00 0.29 ? 32 TYR A C    1 
ATOM 187 O O    . TYR A 1 13 ? 1.923   0.979   -2.557  1.00 0.30 ? 32 TYR A O    1 
ATOM 188 C CB   . TYR A 1 13 ? 1.179   4.048   -2.392  1.00 0.33 ? 32 TYR A CB   1 
ATOM 189 C CG   . TYR A 1 13 ? 1.013   5.451   -2.926  1.00 0.29 ? 32 TYR A CG   1 
ATOM 190 C CD1  . TYR A 1 13 ? 2.020   6.400   -2.728  1.00 1.20 ? 32 TYR A CD1  1 
ATOM 191 C CD2  . TYR A 1 13 ? -0.157  5.803   -3.612  1.00 1.17 ? 32 TYR A CD2  1 
ATOM 192 C CE1  . TYR A 1 13 ? 1.860   7.703   -3.217  1.00 1.19 ? 32 TYR A CE1  1 
ATOM 193 C CE2  . TYR A 1 13 ? -0.316  7.105   -4.100  1.00 1.19 ? 32 TYR A CE2  1 
ATOM 194 C CZ   . TYR A 1 13 ? 0.692   8.055   -3.903  1.00 0.33 ? 32 TYR A CZ   1 
ATOM 195 O OH   . TYR A 1 13 ? 0.536   9.339   -4.385  1.00 0.39 ? 32 TYR A OH   1 
ATOM 196 H H    . TYR A 1 13 ? 0.601   2.061   -4.402  1.00 0.38 ? 32 TYR A H    1 
ATOM 197 H HA   . TYR A 1 13 ? 2.899   3.827   -3.670  1.00 0.34 ? 32 TYR A HA   1 
ATOM 198 H HB2  . TYR A 1 13 ? 0.207   3.576   -2.315  1.00 0.36 ? 32 TYR A HB2  1 
ATOM 199 H HB3  . TYR A 1 13 ? 1.645   4.091   -1.413  1.00 0.36 ? 32 TYR A HB3  1 
ATOM 200 H HD1  . TYR A 1 13 ? 2.921   6.129   -2.199  1.00 2.07 ? 32 TYR A HD1  1 
ATOM 201 H HD2  . TYR A 1 13 ? -0.936  5.071   -3.762  1.00 2.03 ? 32 TYR A HD2  1 
ATOM 202 H HE1  . TYR A 1 13 ? 2.639   8.436   -3.063  1.00 2.05 ? 32 TYR A HE1  1 
ATOM 203 H HE2  . TYR A 1 13 ? -1.218  7.376   -4.630  1.00 2.07 ? 32 TYR A HE2  1 
ATOM 204 H HH   . TYR A 1 13 ? -0.271  9.363   -4.905  1.00 0.96 ? 32 TYR A HH   1 
ATOM 205 N N    . PRO A 1 14 ? 3.723   2.135   -1.975  1.00 0.29 ? 33 PRO A N    1 
ATOM 206 C CA   . PRO A 1 14 ? 4.326   1.048   -1.191  1.00 0.28 ? 33 PRO A CA   1 
ATOM 207 C C    . PRO A 1 14 ? 3.573   0.939   0.132   1.00 0.26 ? 33 PRO A C    1 
ATOM 208 O O    . PRO A 1 14 ? 3.208   1.937   0.718   1.00 0.27 ? 33 PRO A O    1 
ATOM 209 C CB   . PRO A 1 14 ? 5.771   1.506   -0.984  1.00 0.32 ? 33 PRO A CB   1 
ATOM 210 C CG   . PRO A 1 14 ? 5.767   3.044   -1.169  1.00 0.33 ? 33 PRO A CG   1 
ATOM 211 C CD   . PRO A 1 14 ? 4.515   3.380   -2.002  1.00 0.31 ? 33 PRO A CD   1 
ATOM 212 H HA   . PRO A 1 14 ? 4.297   0.116   -1.732  1.00 0.29 ? 33 PRO A HA   1 
ATOM 213 H HB2  . PRO A 1 14 ? 6.101   1.248   0.014   1.00 0.33 ? 33 PRO A HB2  1 
ATOM 214 H HB3  . PRO A 1 14 ? 6.415   1.052   -1.720  1.00 0.34 ? 33 PRO A HB3  1 
ATOM 215 H HG2  . PRO A 1 14 ? 5.719   3.532   -0.206  1.00 0.34 ? 33 PRO A HG2  1 
ATOM 216 H HG3  . PRO A 1 14 ? 6.653   3.356   -1.699  1.00 0.37 ? 33 PRO A HG3  1 
ATOM 217 H HD2  . PRO A 1 14 ? 3.964   4.192   -1.546  1.00 0.32 ? 33 PRO A HD2  1 
ATOM 218 H HD3  . PRO A 1 14 ? 4.789   3.627   -3.016  1.00 0.33 ? 33 PRO A HD3  1 
ATOM 219 N N    . LEU A 1 15 ? 3.303   -0.244  0.606   1.00 0.24 ? 34 LEU A N    1 
ATOM 220 C CA   . LEU A 1 15 ? 2.542   -0.351  1.866   1.00 0.23 ? 34 LEU A CA   1 
ATOM 221 C C    . LEU A 1 15 ? 3.420   -0.127  3.090   1.00 0.23 ? 34 LEU A C    1 
ATOM 222 O O    . LEU A 1 15 ? 4.472   -0.711  3.258   1.00 0.27 ? 34 LEU A O    1 
ATOM 223 C CB   . LEU A 1 15 ? 1.876   -1.714  1.936   1.00 0.24 ? 34 LEU A CB   1 
ATOM 224 C CG   . LEU A 1 15 ? 1.854   -2.206  3.374   1.00 0.25 ? 34 LEU A CG   1 
ATOM 225 C CD1  . LEU A 1 15 ? 1.086   -1.218  4.259   1.00 0.30 ? 34 LEU A CD1  1 
ATOM 226 C CD2  . LEU A 1 15 ? 1.195   -3.584  3.427   1.00 0.28 ? 34 LEU A CD2  1 
ATOM 227 H H    . LEU A 1 15 ? 3.576   -1.059  0.129   1.00 0.25 ? 34 LEU A H    1 
ATOM 228 H HA   . LEU A 1 15 ? 1.769   0.404   1.860   1.00 0.21 ? 34 LEU A HA   1 
ATOM 229 H HB2  . LEU A 1 15 ? 0.866   -1.621  1.584   1.00 0.27 ? 34 LEU A HB2  1 
ATOM 230 H HB3  . LEU A 1 15 ? 2.416   -2.414  1.323   1.00 0.24 ? 34 LEU A HB3  1 
ATOM 231 H HG   . LEU A 1 15 ? 2.868   -2.277  3.715   1.00 0.25 ? 34 LEU A HG   1 
ATOM 232 H HD11 . LEU A 1 15 ? 0.318   -0.732  3.674   1.00 1.01 ? 34 LEU A HD11 1 
ATOM 233 H HD12 . LEU A 1 15 ? 0.637   -1.740  5.082   1.00 1.03 ? 34 LEU A HD12 1 
ATOM 234 H HD13 . LEU A 1 15 ? 1.757   -0.480  4.648   1.00 1.09 ? 34 LEU A HD13 1 
ATOM 235 H HD21 . LEU A 1 15 ? 0.293   -3.576  2.835   1.00 1.01 ? 34 LEU A HD21 1 
ATOM 236 H HD22 . LEU A 1 15 ? 1.876   -4.323  3.031   1.00 1.07 ? 34 LEU A HD22 1 
ATOM 237 H HD23 . LEU A 1 15 ? 0.954   -3.830  4.450   1.00 1.08 ? 34 LEU A HD23 1 
ATOM 238 N N    . CYS A 1 16 ? 2.935   0.704   3.955   1.00 0.22 ? 35 CYS A N    1 
ATOM 239 C CA   . CYS A 1 16 ? 3.636   1.004   5.231   1.00 0.24 ? 35 CYS A CA   1 
ATOM 240 C C    . CYS A 1 16 ? 3.075   0.082   6.309   1.00 0.28 ? 35 CYS A C    1 
ATOM 241 O O    . CYS A 1 16 ? 2.191   0.449   7.058   1.00 0.64 ? 35 CYS A O    1 
ATOM 242 C CB   . CYS A 1 16 ? 3.343   2.436   5.634   1.00 0.24 ? 35 CYS A CB   1 
ATOM 243 S SG   . CYS A 1 16 ? 4.891   3.290   6.023   1.00 0.26 ? 35 CYS A SG   1 
ATOM 244 H H    . CYS A 1 16 ? 2.069   1.117   3.771   1.00 0.22 ? 35 CYS A H    1 
ATOM 245 H HA   . CYS A 1 16 ? 4.699   0.854   5.120   1.00 0.25 ? 35 CYS A HA   1 
ATOM 246 H HB2  . CYS A 1 16 ? 2.842   2.937   4.823   1.00 0.23 ? 35 CYS A HB2  1 
ATOM 247 H HB3  . CYS A 1 16 ? 2.702   2.423   6.501   1.00 0.26 ? 35 CYS A HB3  1 
ATOM 248 N N    . VAL A 1 17 ? 3.562   -1.112  6.377   1.00 0.28 ? 36 VAL A N    1 
ATOM 249 C CA   . VAL A 1 17 ? 3.037   -2.075  7.387   1.00 0.26 ? 36 VAL A CA   1 
ATOM 250 C C    . VAL A 1 17 ? 3.239   -1.515  8.797   1.00 0.27 ? 36 VAL A C    1 
ATOM 251 O O    . VAL A 1 17 ? 2.367   -1.614  9.635   1.00 0.28 ? 36 VAL A O    1 
ATOM 252 C CB   . VAL A 1 17 ? 3.748   -3.417  7.228   1.00 0.33 ? 36 VAL A CB   1 
ATOM 253 C CG1  . VAL A 1 17 ? 3.575   -4.248  8.502   1.00 0.34 ? 36 VAL A CG1  1 
ATOM 254 C CG2  . VAL A 1 17 ? 3.125   -4.163  6.042   1.00 0.36 ? 36 VAL A CG2  1 
ATOM 255 H H    . VAL A 1 17 ? 4.255   -1.381  5.751   1.00 0.56 ? 36 VAL A H    1 
ATOM 256 H HA   . VAL A 1 17 ? 1.980   -2.216  7.217   1.00 0.24 ? 36 VAL A HA   1 
ATOM 257 H HB   . VAL A 1 17 ? 4.799   -3.253  7.041   1.00 0.38 ? 36 VAL A HB   1 
ATOM 258 H HG11 . VAL A 1 17 ? 2.612   -4.035  8.943   1.00 1.11 ? 36 VAL A HG11 1 
ATOM 259 H HG12 . VAL A 1 17 ? 3.635   -5.299  8.256   1.00 1.07 ? 36 VAL A HG12 1 
ATOM 260 H HG13 . VAL A 1 17 ? 4.357   -3.998  9.203   1.00 1.03 ? 36 VAL A HG13 1 
ATOM 261 H HG21 . VAL A 1 17 ? 2.165   -3.719  5.799   1.00 1.03 ? 36 VAL A HG21 1 
ATOM 262 H HG22 . VAL A 1 17 ? 3.781   -4.088  5.186   1.00 1.11 ? 36 VAL A HG22 1 
ATOM 263 H HG23 . VAL A 1 17 ? 2.988   -5.201  6.300   1.00 1.09 ? 36 VAL A HG23 1 
ATOM 264 N N    . THR A 1 18 ? 4.359   -0.901  9.068   1.00 0.32 ? 37 THR A N    1 
ATOM 265 C CA   . THR A 1 18 ? 4.553   -0.316  10.426  1.00 0.38 ? 37 THR A CA   1 
ATOM 266 C C    . THR A 1 18 ? 3.563   0.825   10.570  1.00 0.34 ? 37 THR A C    1 
ATOM 267 O O    . THR A 1 18 ? 2.964   1.019   11.608  1.00 0.38 ? 37 THR A O    1 
ATOM 268 C CB   . THR A 1 18 ? 5.985   0.203   10.577  1.00 0.45 ? 37 THR A CB   1 
ATOM 269 O OG1  . THR A 1 18 ? 6.766   -0.239  9.476   1.00 0.97 ? 37 THR A OG1  1 
ATOM 270 C CG2  . THR A 1 18 ? 6.586   -0.326  11.879  1.00 1.08 ? 37 THR A CG2  1 
ATOM 271 H H    . THR A 1 18 ? 5.051   -0.804  8.382   1.00 0.35 ? 37 THR A H    1 
ATOM 272 H HA   . THR A 1 18 ? 4.341   -1.058  11.183  1.00 0.41 ? 37 THR A HA   1 
ATOM 273 H HB   . THR A 1 18 ? 5.976   1.282   10.603  1.00 0.88 ? 37 THR A HB   1 
ATOM 274 H HG1  . THR A 1 18 ? 7.351   0.479   9.220   1.00 1.56 ? 37 THR A HG1  1 
ATOM 275 H HG21 . THR A 1 18 ? 5.830   -0.338  12.648  1.00 1.69 ? 37 THR A HG21 1 
ATOM 276 H HG22 . THR A 1 18 ? 6.956   -1.329  11.723  1.00 1.60 ? 37 THR A HG22 1 
ATOM 277 H HG23 . THR A 1 18 ? 7.402   0.313   12.186  1.00 1.63 ? 37 THR A HG23 1 
ATOM 278 N N    . THR A 1 19 ? 3.348   1.555   9.514   1.00 0.29 ? 38 THR A N    1 
ATOM 279 C CA   . THR A 1 19 ? 2.353   2.646   9.576   1.00 0.29 ? 38 THR A CA   1 
ATOM 280 C C    . THR A 1 19 ? 1.014   2.074   9.108   1.00 0.25 ? 38 THR A C    1 
ATOM 281 O O    . THR A 1 19 ? 0.110   2.781   8.715   1.00 0.24 ? 38 THR A O    1 
ATOM 282 C CB   . THR A 1 19 ? 2.766   3.810   8.684   1.00 0.35 ? 38 THR A CB   1 
ATOM 283 O OG1  . THR A 1 19 ? 3.831   4.525   9.295   1.00 0.37 ? 38 THR A OG1  1 
ATOM 284 C CG2  . THR A 1 19 ? 1.562   4.722   8.511   1.00 0.64 ? 38 THR A CG2  1 
ATOM 285 H H    . THR A 1 19 ? 3.814   1.360   8.674   1.00 0.28 ? 38 THR A H    1 
ATOM 286 H HA   . THR A 1 19 ? 2.259   2.986   10.600  1.00 0.36 ? 38 THR A HA   1 
ATOM 287 H HB   . THR A 1 19 ? 3.078   3.441   7.722   1.00 0.40 ? 38 THR A HB   1 
ATOM 288 H HG1  . THR A 1 19 ? 4.619   4.396   8.761   1.00 0.87 ? 38 THR A HG1  1 
ATOM 289 H HG21 . THR A 1 19 ? 0.794   4.419   9.210   1.00 1.33 ? 38 THR A HG21 1 
ATOM 290 H HG22 . THR A 1 19 ? 1.847   5.743   8.709   1.00 1.24 ? 38 THR A HG22 1 
ATOM 291 H HG23 . THR A 1 19 ? 1.185   4.634   7.504   1.00 1.10 ? 38 THR A HG23 1 
ATOM 292 N N    . THR A 1 20 ? 0.882   0.782   9.182   1.00 0.25 ? 39 THR A N    1 
ATOM 293 C CA   . THR A 1 20 ? -0.394  0.129   8.779   1.00 0.24 ? 39 THR A CA   1 
ATOM 294 C C    . THR A 1 20 ? -1.493  0.723   9.642   1.00 0.26 ? 39 THR A C    1 
ATOM 295 O O    . THR A 1 20 ? -2.672  0.521   9.430   1.00 0.31 ? 39 THR A O    1 
ATOM 296 C CB   . THR A 1 20 ? -0.307  -1.377  9.037   1.00 0.25 ? 39 THR A CB   1 
ATOM 297 O OG1  . THR A 1 20 ? -1.544  -1.984  8.695   1.00 0.30 ? 39 THR A OG1  1 
ATOM 298 C CG2  . THR A 1 20 ? -0.009  -1.628  10.517  1.00 0.32 ? 39 THR A CG2  1 
ATOM 299 H H    . THR A 1 20 ? 1.616   0.250   9.521   1.00 0.28 ? 39 THR A H    1 
ATOM 300 H HA   . THR A 1 20 ? -0.593  0.314   7.742   1.00 0.25 ? 39 THR A HA   1 
ATOM 301 H HB   . THR A 1 20 ? 0.484   -1.803  8.437   1.00 0.27 ? 39 THR A HB   1 
ATOM 302 H HG1  . THR A 1 20 ? -2.140  -1.882  9.438   1.00 0.88 ? 39 THR A HG1  1 
ATOM 303 H HG21 . THR A 1 20 ? 0.502   -0.771  10.930  1.00 1.04 ? 39 THR A HG21 1 
ATOM 304 H HG22 . THR A 1 20 ? -0.935  -1.786  11.049  1.00 1.03 ? 39 THR A HG22 1 
ATOM 305 H HG23 . THR A 1 20 ? 0.617   -2.502  10.615  1.00 1.09 ? 39 THR A HG23 1 
ATOM 306 N N    . ASN A 1 21 ? -1.080  1.472   10.615  1.00 0.33 ? 40 ASN A N    1 
ATOM 307 C CA   . ASN A 1 21 ? -2.023  2.137   11.543  1.00 0.36 ? 40 ASN A CA   1 
ATOM 308 C C    . ASN A 1 21 ? -2.435  3.484   10.941  1.00 0.35 ? 40 ASN A C    1 
ATOM 309 O O    . ASN A 1 21 ? -2.603  4.468   11.635  1.00 0.42 ? 40 ASN A O    1 
ATOM 310 C CB   . ASN A 1 21 ? -1.287  2.364   12.857  1.00 0.42 ? 40 ASN A CB   1 
ATOM 311 C CG   . ASN A 1 21 ? -2.276  2.313   14.022  1.00 0.47 ? 40 ASN A CG   1 
ATOM 312 O OD1  . ASN A 1 21 ? -3.325  2.925   13.971  1.00 1.03 ? 40 ASN A OD1  1 
ATOM 313 N ND2  . ASN A 1 21 ? -1.987  1.604   15.079  1.00 1.26 ? 40 ASN A ND2  1 
ATOM 314 H H    . ASN A 1 21 ? -0.118  1.604   10.734  1.00 0.42 ? 40 ASN A H    1 
ATOM 315 H HA   . ASN A 1 21 ? -2.890  1.516   11.704  1.00 0.38 ? 40 ASN A HA   1 
ATOM 316 H HB2  . ASN A 1 21 ? -0.531  1.594   12.978  1.00 0.43 ? 40 ASN A HB2  1 
ATOM 317 H HB3  . ASN A 1 21 ? -0.810  3.330   12.829  1.00 0.42 ? 40 ASN A HB3  1 
ATOM 318 H HD21 . ASN A 1 21 ? -1.141  1.111   15.120  1.00 2.01 ? 40 ASN A HD21 1 
ATOM 319 H HD22 . ASN A 1 21 ? -2.614  1.566   15.830  1.00 1.29 ? 40 ASN A HD22 1 
ATOM 320 N N    . GLY A 1 22 ? -2.579  3.525   9.647   1.00 0.29 ? 41 GLY A N    1 
ATOM 321 C CA   . GLY A 1 22 ? -2.960  4.792   8.955   1.00 0.29 ? 41 GLY A CA   1 
ATOM 322 C C    . GLY A 1 22 ? -1.945  5.074   7.843   1.00 0.25 ? 41 GLY A C    1 
ATOM 323 O O    . GLY A 1 22 ? -1.230  4.193   7.408   1.00 0.22 ? 41 GLY A O    1 
ATOM 324 H H    . GLY A 1 22 ? -2.426  2.718   9.128   1.00 0.28 ? 41 GLY A H    1 
ATOM 325 H HA2  . GLY A 1 22 ? -3.948  4.686   8.527   1.00 0.31 ? 41 GLY A HA2  1 
ATOM 326 H HA3  . GLY A 1 22 ? -2.954  5.607   9.661   1.00 0.32 ? 41 GLY A HA3  1 
ATOM 327 N N    . TRP A 1 23 ? -1.869  6.292   7.377   1.00 0.27 ? 42 TRP A N    1 
ATOM 328 C CA   . TRP A 1 23 ? -0.891  6.615   6.294   1.00 0.25 ? 42 TRP A CA   1 
ATOM 329 C C    . TRP A 1 23 ? 0.503   6.798   6.902   1.00 0.29 ? 42 TRP A C    1 
ATOM 330 O O    . TRP A 1 23 ? 0.651   7.294   8.000   1.00 0.37 ? 42 TRP A O    1 
ATOM 331 C CB   . TRP A 1 23 ? -1.300  7.911   5.593   1.00 0.24 ? 42 TRP A CB   1 
ATOM 332 C CG   . TRP A 1 23 ? -2.190  7.614   4.428   1.00 0.22 ? 42 TRP A CG   1 
ATOM 333 C CD1  . TRP A 1 23 ? -3.460  7.155   4.506   1.00 0.30 ? 42 TRP A CD1  1 
ATOM 334 C CD2  . TRP A 1 23 ? -1.898  7.759   3.008   1.00 0.20 ? 42 TRP A CD2  1 
ATOM 335 N NE1  . TRP A 1 23 ? -3.967  7.019   3.233   1.00 0.32 ? 42 TRP A NE1  1 
ATOM 336 C CE2  . TRP A 1 23 ? -3.042  7.379   2.271   1.00 0.27 ? 42 TRP A CE2  1 
ATOM 337 C CE3  . TRP A 1 23 ? -0.764  8.184   2.297   1.00 0.22 ? 42 TRP A CE3  1 
ATOM 338 C CZ2  . TRP A 1 23 ? -3.061  7.418   0.876   1.00 0.33 ? 42 TRP A CZ2  1 
ATOM 339 C CZ3  . TRP A 1 23 ? -0.774  8.224   0.895   1.00 0.29 ? 42 TRP A CZ3  1 
ATOM 340 C CH2  . TRP A 1 23 ? -1.922  7.844   0.184   1.00 0.34 ? 42 TRP A CH2  1 
ATOM 341 H H    . TRP A 1 23 ? -2.450  6.994   7.739   1.00 0.32 ? 42 TRP A H    1 
ATOM 342 H HA   . TRP A 1 23 ? -0.869  5.807   5.577   1.00 0.24 ? 42 TRP A HA   1 
ATOM 343 H HB2  . TRP A 1 23 ? -1.826  8.544   6.290   1.00 0.30 ? 42 TRP A HB2  1 
ATOM 344 H HB3  . TRP A 1 23 ? -0.415  8.423   5.247   1.00 0.25 ? 42 TRP A HB3  1 
ATOM 345 H HD1  . TRP A 1 23 ? -3.994  6.933   5.411   1.00 0.36 ? 42 TRP A HD1  1 
ATOM 346 H HE1  . TRP A 1 23 ? -4.866  6.707   3.022   1.00 0.40 ? 42 TRP A HE1  1 
ATOM 347 H HE3  . TRP A 1 23 ? 0.124   8.474   2.832   1.00 0.24 ? 42 TRP A HE3  1 
ATOM 348 H HZ2  . TRP A 1 23 ? -3.947  7.128   0.335   1.00 0.41 ? 42 TRP A HZ2  1 
ATOM 349 H HZ3  . TRP A 1 23 ? 0.106   8.552   0.363   1.00 0.36 ? 42 TRP A HZ3  1 
ATOM 350 H HH2  . TRP A 1 23 ? -1.924  7.877   -0.897  1.00 0.41 ? 42 TRP A HH2  1 
ATOM 351 N N    . GLY A 1 24 ? 1.526   6.407   6.190   1.00 0.28 ? 43 GLY A N    1 
ATOM 352 C CA   . GLY A 1 24 ? 2.912   6.565   6.721   1.00 0.34 ? 43 GLY A CA   1 
ATOM 353 C C    . GLY A 1 24 ? 3.855   6.970   5.586   1.00 0.23 ? 43 GLY A C    1 
ATOM 354 O O    . GLY A 1 24 ? 3.441   7.168   4.461   1.00 0.24 ? 43 GLY A O    1 
ATOM 355 H H    . GLY A 1 24 ? 1.383   6.014   5.305   1.00 0.25 ? 43 GLY A H    1 
ATOM 356 H HA2  . GLY A 1 24 ? 2.919   7.328   7.484   1.00 0.43 ? 43 GLY A HA2  1 
ATOM 357 H HA3  . GLY A 1 24 ? 3.245   5.629   7.141   1.00 0.45 ? 43 GLY A HA3  1 
ATOM 358 N N    . TRP A 1 25 ? 5.121   7.094   5.875   1.00 0.33 ? 44 TRP A N    1 
ATOM 359 C CA   . TRP A 1 25 ? 6.098   7.483   4.820   1.00 0.26 ? 44 TRP A CA   1 
ATOM 360 C C    . TRP A 1 25 ? 7.361   6.630   4.956   1.00 0.29 ? 44 TRP A C    1 
ATOM 361 O O    . TRP A 1 25 ? 8.057   6.694   5.951   1.00 0.43 ? 44 TRP A O    1 
ATOM 362 C CB   . TRP A 1 25 ? 6.464   8.959   4.984   1.00 0.30 ? 44 TRP A CB   1 
ATOM 363 C CG   . TRP A 1 25 ? 7.365   9.375   3.876   1.00 0.30 ? 44 TRP A CG   1 
ATOM 364 C CD1  . TRP A 1 25 ? 8.627   9.813   4.033   1.00 0.35 ? 44 TRP A CD1  1 
ATOM 365 C CD2  . TRP A 1 25 ? 7.099   9.405   2.450   1.00 0.31 ? 44 TRP A CD2  1 
ATOM 366 N NE1  . TRP A 1 25 ? 9.153   10.109  2.795   1.00 0.39 ? 44 TRP A NE1  1 
ATOM 367 C CE2  . TRP A 1 25 ? 8.253   9.875   1.794   1.00 0.36 ? 44 TRP A CE2  1 
ATOM 368 C CE3  . TRP A 1 25 ? 5.983   9.074   1.675   1.00 0.34 ? 44 TRP A CE3  1 
ATOM 369 C CZ2  . TRP A 1 25 ? 8.311   10.015  0.422   1.00 0.42 ? 44 TRP A CZ2  1 
ATOM 370 C CZ3  . TRP A 1 25 ? 6.029   9.214   0.275   1.00 0.38 ? 44 TRP A CZ3  1 
ATOM 371 C CH2  . TRP A 1 25 ? 7.194   9.685   -0.351  1.00 0.41 ? 44 TRP A CH2  1 
ATOM 372 H H    . TRP A 1 25 ? 5.432   6.928   6.789   1.00 0.50 ? 44 TRP A H    1 
ATOM 373 H HA   . TRP A 1 25 ? 5.659   7.328   3.844   1.00 0.23 ? 44 TRP A HA   1 
ATOM 374 H HB2  . TRP A 1 25 ? 5.574   9.556   4.956   1.00 0.36 ? 44 TRP A HB2  1 
ATOM 375 H HB3  . TRP A 1 25 ? 6.963   9.105   5.924   1.00 0.35 ? 44 TRP A HB3  1 
ATOM 376 H HD1  . TRP A 1 25 ? 9.137   9.915   4.966   1.00 0.38 ? 44 TRP A HD1  1 
ATOM 377 H HE1  . TRP A 1 25 ? 10.053  10.444  2.626   1.00 0.47 ? 44 TRP A HE1  1 
ATOM 378 H HE3  . TRP A 1 25 ? 5.088   8.713   2.158   1.00 0.36 ? 44 TRP A HE3  1 
ATOM 379 H HZ2  . TRP A 1 25 ? 9.218   10.379  -0.034  1.00 0.49 ? 44 TRP A HZ2  1 
ATOM 380 H HZ3  . TRP A 1 25 ? 5.163   8.957   -0.319  1.00 0.43 ? 44 TRP A HZ3  1 
ATOM 381 H HH2  . TRP A 1 25 ? 7.228   9.790   -1.426  1.00 0.46 ? 44 TRP A HH2  1 
ATOM 382 N N    . GLU A 1 26 ? 7.662   5.831   3.972   1.00 0.32 ? 45 GLU A N    1 
ATOM 383 C CA   . GLU A 1 26 ? 8.880   4.975   4.051   1.00 0.38 ? 45 GLU A CA   1 
ATOM 384 C C    . GLU A 1 26 ? 9.419   4.723   2.641   1.00 0.43 ? 45 GLU A C    1 
ATOM 385 O O    . GLU A 1 26 ? 8.786   5.053   1.659   1.00 0.40 ? 45 GLU A O    1 
ATOM 386 C CB   . GLU A 1 26 ? 8.523   3.639   4.707   1.00 0.43 ? 45 GLU A CB   1 
ATOM 387 C CG   . GLU A 1 26 ? 9.724   3.123   5.502   1.00 1.23 ? 45 GLU A CG   1 
ATOM 388 C CD   . GLU A 1 26 ? 9.247   2.127   6.560   1.00 1.68 ? 45 GLU A CD   1 
ATOM 389 O OE1  . GLU A 1 26 ? 8.239   2.400   7.191   1.00 2.25 ? 45 GLU A OE1  1 
ATOM 390 O OE2  . GLU A 1 26 ? 9.897   1.107   6.721   1.00 2.26 ? 45 GLU A OE2  1 
ATOM 391 H H    . GLU A 1 26 ? 7.088   5.792   3.178   1.00 0.40 ? 45 GLU A H    1 
ATOM 392 H HA   . GLU A 1 26 ? 9.634   5.476   4.641   1.00 0.43 ? 45 GLU A HA   1 
ATOM 393 H HB2  . GLU A 1 26 ? 7.683   3.779   5.372   1.00 0.95 ? 45 GLU A HB2  1 
ATOM 394 H HB3  . GLU A 1 26 ? 8.264   2.921   3.943   1.00 0.96 ? 45 GLU A HB3  1 
ATOM 395 H HG2  . GLU A 1 26 ? 10.417  2.634   4.831   1.00 1.81 ? 45 GLU A HG2  1 
ATOM 396 H HG3  . GLU A 1 26 ? 10.218  3.951   5.988   1.00 1.86 ? 45 GLU A HG3  1 
ATOM 397 N N    . ASP A 1 27 ? 10.583  4.142   2.533   1.00 0.52 ? 46 ASP A N    1 
ATOM 398 C CA   . ASP A 1 27 ? 11.154  3.876   1.182   1.00 0.60 ? 46 ASP A CA   1 
ATOM 399 C C    . ASP A 1 27 ? 11.450  5.203   0.489   1.00 0.58 ? 46 ASP A C    1 
ATOM 400 O O    . ASP A 1 27 ? 11.377  5.318   -0.718  1.00 0.62 ? 46 ASP A O    1 
ATOM 401 C CB   . ASP A 1 27 ? 10.141  3.094   0.354   1.00 0.61 ? 46 ASP A CB   1 
ATOM 402 C CG   . ASP A 1 27 ? 10.553  1.622   0.294   1.00 0.96 ? 46 ASP A CG   1 
ATOM 403 O OD1  . ASP A 1 27 ? 11.254  1.186   1.193   1.00 1.62 ? 46 ASP A OD1  1 
ATOM 404 O OD2  . ASP A 1 27 ? 10.158  0.956   -0.647  1.00 1.56 ? 46 ASP A OD2  1 
ATOM 405 H H    . ASP A 1 27 ? 11.081  3.884   3.336   1.00 0.56 ? 46 ASP A H    1 
ATOM 406 H HA   . ASP A 1 27 ? 12.064  3.303   1.277   1.00 0.68 ? 46 ASP A HA   1 
ATOM 407 H HB2  . ASP A 1 27 ? 9.168   3.182   0.809   1.00 0.76 ? 46 ASP A HB2  1 
ATOM 408 H HB3  . ASP A 1 27 ? 10.112  3.499   -0.644  1.00 0.81 ? 46 ASP A HB3  1 
ATOM 409 N N    . GLN A 1 28 ? 11.780  6.206   1.247   1.00 0.56 ? 47 GLN A N    1 
ATOM 410 C CA   . GLN A 1 28 ? 12.079  7.532   0.647   1.00 0.58 ? 47 GLN A CA   1 
ATOM 411 C C    . GLN A 1 28 ? 10.848  8.034   -0.109  1.00 0.53 ? 47 GLN A C    1 
ATOM 412 O O    . GLN A 1 28 ? 10.931  8.915   -0.942  1.00 0.59 ? 47 GLN A O    1 
ATOM 413 C CB   . GLN A 1 28 ? 13.256  7.385   -0.312  1.00 0.70 ? 47 GLN A CB   1 
ATOM 414 C CG   . GLN A 1 28 ? 14.026  8.705   -0.387  1.00 0.75 ? 47 GLN A CG   1 
ATOM 415 C CD   . GLN A 1 28 ? 15.525  8.416   -0.478  1.00 1.57 ? 47 GLN A CD   1 
ATOM 416 O OE1  . GLN A 1 28 ? 15.953  7.298   -0.279  1.00 2.30 ? 47 GLN A OE1  1 
ATOM 417 N NE2  . GLN A 1 28 ? 16.347  9.386   -0.773  1.00 2.23 ? 47 GLN A NE2  1 
ATOM 418 H H    . GLN A 1 28 ? 11.831  6.084   2.211   1.00 0.55 ? 47 GLN A H    1 
ATOM 419 H HA   . GLN A 1 28 ? 12.335  8.233   1.427   1.00 0.59 ? 47 GLN A HA   1 
ATOM 420 H HB2  . GLN A 1 28 ? 13.908  6.603   0.049   1.00 0.75 ? 47 GLN A HB2  1 
ATOM 421 H HB3  . GLN A 1 28 ? 12.890  7.125   -1.294  1.00 0.72 ? 47 GLN A HB3  1 
ATOM 422 H HG2  . GLN A 1 28 ? 13.710  9.256   -1.260  1.00 1.15 ? 47 GLN A HG2  1 
ATOM 423 H HG3  . GLN A 1 28 ? 13.828  9.288   0.500   1.00 1.11 ? 47 GLN A HG3  1 
ATOM 424 H HE21 . GLN A 1 28 ? 16.001  10.290  -0.934  1.00 2.37 ? 47 GLN A HE21 1 
ATOM 425 H HE22 . GLN A 1 28 ? 17.310  9.212   -0.834  1.00 2.93 ? 47 GLN A HE22 1 
ATOM 426 N N    . ARG A 1 29 ? 9.705   7.476   0.182   1.00 0.45 ? 48 ARG A N    1 
ATOM 427 C CA   . ARG A 1 29 ? 8.460   7.913   -0.507  1.00 0.44 ? 48 ARG A CA   1 
ATOM 428 C C    . ARG A 1 29 ? 7.284   7.799   0.466   1.00 0.40 ? 48 ARG A C    1 
ATOM 429 O O    . ARG A 1 29 ? 7.466   7.639   1.656   1.00 0.66 ? 48 ARG A O    1 
ATOM 430 C CB   . ARG A 1 29 ? 8.206   7.019   -1.723  1.00 0.49 ? 48 ARG A CB   1 
ATOM 431 C CG   . ARG A 1 29 ? 9.439   7.029   -2.630  1.00 0.59 ? 48 ARG A CG   1 
ATOM 432 C CD   . ARG A 1 29 ? 9.294   5.944   -3.699  1.00 0.99 ? 48 ARG A CD   1 
ATOM 433 N NE   . ARG A 1 29 ? 8.599   6.509   -4.890  1.00 1.73 ? 48 ARG A NE   1 
ATOM 434 C CZ   . ARG A 1 29 ? 9.185   6.493   -6.056  1.00 2.33 ? 48 ARG A CZ   1 
ATOM 435 N NH1  . ARG A 1 29 ? 9.723   7.582   -6.531  1.00 2.80 ? 48 ARG A NH1  1 
ATOM 436 N NH2  . ARG A 1 29 ? 9.233   5.387   -6.747  1.00 3.03 ? 48 ARG A NH2  1 
ATOM 437 H H    . ARG A 1 29 ? 9.664   6.770   0.860   1.00 0.42 ? 48 ARG A H    1 
ATOM 438 H HA   . ARG A 1 29 ? 8.564   8.940   -0.827  1.00 0.46 ? 48 ARG A HA   1 
ATOM 439 H HB2  . ARG A 1 29 ? 8.011   6.010   -1.391  1.00 0.52 ? 48 ARG A HB2  1 
ATOM 440 H HB3  . ARG A 1 29 ? 7.354   7.390   -2.272  1.00 0.54 ? 48 ARG A HB3  1 
ATOM 441 H HG2  . ARG A 1 29 ? 9.525   7.995   -3.107  1.00 0.78 ? 48 ARG A HG2  1 
ATOM 442 H HG3  . ARG A 1 29 ? 10.322  6.837   -2.041  1.00 0.89 ? 48 ARG A HG3  1 
ATOM 443 H HD2  . ARG A 1 29 ? 10.273  5.591   -3.987  1.00 1.34 ? 48 ARG A HD2  1 
ATOM 444 H HD3  . ARG A 1 29 ? 8.717   5.122   -3.301  1.00 1.59 ? 48 ARG A HD3  1 
ATOM 445 H HE   . ARG A 1 29 ? 7.701   6.892   -4.798  1.00 2.24 ? 48 ARG A HE   1 
ATOM 446 H HH11 . ARG A 1 29 ? 9.685   8.430   -6.002  1.00 3.25 ? 48 ARG A HH11 1 
ATOM 447 H HH12 . ARG A 1 29 ? 10.171  7.569   -7.425  1.00 3.63 ? 48 ARG A HH12 1 
ATOM 448 H HH21 . ARG A 1 29 ? 8.820   4.550   -6.382  1.00 2.92 ? 48 ARG A HH21 1 
ATOM 449 H HH22 . ARG A 1 29 ? 9.682   5.375   -7.641  1.00 3.38 ? 48 ARG A HH22 1 
ATOM 450 N N    . SER A 1 30 ? 6.079   7.875   -0.027  1.00 0.26 ? 49 SER A N    1 
ATOM 451 C CA   . SER A 1 30 ? 4.900   7.768   0.876   1.00 0.24 ? 49 SER A CA   1 
ATOM 452 C C    . SER A 1 30 ? 4.396   6.323   0.891   1.00 0.23 ? 49 SER A C    1 
ATOM 453 O O    . SER A 1 30 ? 4.148   5.732   -0.142  1.00 0.34 ? 49 SER A O    1 
ATOM 454 C CB   . SER A 1 30 ? 3.786   8.690   0.377   1.00 0.31 ? 49 SER A CB   1 
ATOM 455 O OG   . SER A 1 30 ? 3.878   8.815   -1.036  1.00 0.61 ? 49 SER A OG   1 
ATOM 456 H H    . SER A 1 30 ? 5.950   8.003   -0.991  1.00 0.41 ? 49 SER A H    1 
ATOM 457 H HA   . SER A 1 30 ? 5.187   8.058   1.878   1.00 0.23 ? 49 SER A HA   1 
ATOM 458 H HB2  . SER A 1 30 ? 2.828   8.269   0.635   1.00 0.48 ? 49 SER A HB2  1 
ATOM 459 H HB3  . SER A 1 30 ? 3.885   9.660   0.844   1.00 0.58 ? 49 SER A HB3  1 
ATOM 460 H HG   . SER A 1 30 ? 4.052   9.737   -1.240  1.00 1.16 ? 49 SER A HG   1 
ATOM 461 N N    . CYS A 1 31 ? 4.235   5.753   2.053   1.00 0.20 ? 50 CYS A N    1 
ATOM 462 C CA   . CYS A 1 31 ? 3.741   4.348   2.133   1.00 0.19 ? 50 CYS A CA   1 
ATOM 463 C C    . CYS A 1 31 ? 2.341   4.340   2.746   1.00 0.20 ? 50 CYS A C    1 
ATOM 464 O O    . CYS A 1 31 ? 2.082   5.008   3.725   1.00 0.36 ? 50 CYS A O    1 
ATOM 465 C CB   . CYS A 1 31 ? 4.683   3.519   3.008   1.00 0.21 ? 50 CYS A CB   1 
ATOM 466 S SG   . CYS A 1 31 ? 5.206   4.501   4.437   1.00 0.27 ? 50 CYS A SG   1 
ATOM 467 H H    . CYS A 1 31 ? 4.437   6.250   2.873   1.00 0.26 ? 50 CYS A H    1 
ATOM 468 H HA   . CYS A 1 31 ? 3.703   3.924   1.141   1.00 0.20 ? 50 CYS A HA   1 
ATOM 469 H HB2  . CYS A 1 31 ? 4.168   2.633   3.350   1.00 0.24 ? 50 CYS A HB2  1 
ATOM 470 H HB3  . CYS A 1 31 ? 5.549   3.231   2.431   1.00 0.27 ? 50 CYS A HB3  1 
ATOM 471 N N    . ILE A 1 32 ? 1.438   3.591   2.180   1.00 0.16 ? 51 ILE A N    1 
ATOM 472 C CA   . ILE A 1 32 ? 0.058   3.547   2.739   1.00 0.15 ? 51 ILE A CA   1 
ATOM 473 C C    . ILE A 1 32 ? -0.083  2.336   3.663   1.00 0.14 ? 51 ILE A C    1 
ATOM 474 O O    . ILE A 1 32 ? 0.347   1.249   3.351   1.00 0.14 ? 51 ILE A O    1 
ATOM 475 C CB   . ILE A 1 32 ? -0.953  3.444   1.602   1.00 0.16 ? 51 ILE A CB   1 
ATOM 476 C CG1  . ILE A 1 32 ? -1.309  4.840   1.110   1.00 0.17 ? 51 ILE A CG1  1 
ATOM 477 C CG2  . ILE A 1 32 ? -2.221  2.775   2.110   1.00 0.18 ? 51 ILE A CG2  1 
ATOM 478 C CD1  . ILE A 1 32 ? -2.071  4.725   -0.212  1.00 0.18 ? 51 ILE A CD1  1 
ATOM 479 H H    . ILE A 1 32 ? 1.665   3.058   1.391   1.00 0.27 ? 51 ILE A H    1 
ATOM 480 H HA   . ILE A 1 32 ? -0.126  4.449   3.303   1.00 0.16 ? 51 ILE A HA   1 
ATOM 481 H HB   . ILE A 1 32 ? -0.534  2.867   0.792   1.00 0.20 ? 51 ILE A HB   1 
ATOM 482 H HG12 . ILE A 1 32 ? -1.934  5.325   1.849   1.00 0.17 ? 51 ILE A HG12 1 
ATOM 483 H HG13 . ILE A 1 32 ? -0.408  5.414   0.960   1.00 0.19 ? 51 ILE A HG13 1 
ATOM 484 H HG21 . ILE A 1 32 ? -2.612  3.341   2.945   1.00 1.03 ? 51 ILE A HG21 1 
ATOM 485 H HG22 . ILE A 1 32 ? -2.952  2.750   1.315   1.00 0.99 ? 51 ILE A HG22 1 
ATOM 486 H HG23 . ILE A 1 32 ? -1.993  1.769   2.432   1.00 1.04 ? 51 ILE A HG23 1 
ATOM 487 H HD11 . ILE A 1 32 ? -2.088  3.692   -0.526  1.00 0.93 ? 51 ILE A HD11 1 
ATOM 488 H HD12 . ILE A 1 32 ? -3.083  5.076   -0.076  1.00 0.93 ? 51 ILE A HD12 1 
ATOM 489 H HD13 . ILE A 1 32 ? -1.580  5.323   -0.965  1.00 0.90 ? 51 ILE A HD13 1 
ATOM 490 N N    . ALA A 1 33 ? -0.681  2.532   4.803   1.00 0.16 ? 52 ALA A N    1 
ATOM 491 C CA   . ALA A 1 33 ? -0.854  1.416   5.779   1.00 0.17 ? 52 ALA A CA   1 
ATOM 492 C C    . ALA A 1 33 ? -1.235  0.110   5.080   1.00 0.17 ? 52 ALA A C    1 
ATOM 493 O O    . ALA A 1 33 ? -1.489  0.075   3.901   1.00 0.16 ? 52 ALA A O    1 
ATOM 494 C CB   . ALA A 1 33 ? -1.939  1.791   6.774   1.00 0.20 ? 52 ALA A CB   1 
ATOM 495 H H    . ALA A 1 33 ? -1.015  3.426   5.028   1.00 0.17 ? 52 ALA A H    1 
ATOM 496 H HA   . ALA A 1 33 ? 0.073   1.267   6.309   1.00 0.21 ? 52 ALA A HA   1 
ATOM 497 H HB1  . ALA A 1 33 ? -1.471  2.133   7.682   1.00 0.99 ? 52 ALA A HB1  1 
ATOM 498 H HB2  . ALA A 1 33 ? -2.553  0.926   6.984   1.00 0.95 ? 52 ALA A HB2  1 
ATOM 499 H HB3  . ALA A 1 33 ? -2.549  2.579   6.362   1.00 1.05 ? 52 ALA A HB3  1 
ATOM 500 N N    . ARG A 1 34 ? -1.264  -0.969  5.820   1.00 0.23 ? 53 ARG A N    1 
ATOM 501 C CA   . ARG A 1 34 ? -1.597  -2.298  5.226   1.00 0.29 ? 53 ARG A CA   1 
ATOM 502 C C    . ARG A 1 34 ? -2.965  -2.266  4.553   1.00 0.29 ? 53 ARG A C    1 
ATOM 503 O O    . ARG A 1 34 ? -3.074  -2.132  3.355   1.00 0.33 ? 53 ARG A O    1 
ATOM 504 C CB   . ARG A 1 34 ? -1.641  -3.364  6.332   1.00 0.38 ? 53 ARG A CB   1 
ATOM 505 C CG   . ARG A 1 34 ? -0.243  -3.630  6.900   1.00 1.19 ? 53 ARG A CG   1 
ATOM 506 C CD   . ARG A 1 34 ? 0.134   -5.093  6.655   1.00 1.59 ? 53 ARG A CD   1 
ATOM 507 N NE   . ARG A 1 34 ? -0.969  -5.976  7.130   1.00 1.98 ? 53 ARG A NE   1 
ATOM 508 C CZ   . ARG A 1 34 ? -0.724  -7.224  7.425   1.00 2.14 ? 53 ARG A CZ   1 
ATOM 509 N NH1  . ARG A 1 34 ? -0.693  -7.605  8.672   1.00 2.86 ? 53 ARG A NH1  1 
ATOM 510 N NH2  . ARG A 1 34 ? -0.510  -8.089  6.471   1.00 2.19 ? 53 ARG A NH2  1 
ATOM 511 H H    . ARG A 1 34 ? -1.043  -0.909  6.769   1.00 0.26 ? 53 ARG A H    1 
ATOM 512 H HA   . ARG A 1 34 ? -0.851  -2.565  4.494   1.00 0.32 ? 53 ARG A HA   1 
ATOM 513 H HB2  . ARG A 1 34 ? -2.284  -3.020  7.126   1.00 1.20 ? 53 ARG A HB2  1 
ATOM 514 H HB3  . ARG A 1 34 ? -2.039  -4.281  5.924   1.00 1.05 ? 53 ARG A HB3  1 
ATOM 515 H HG2  . ARG A 1 34 ? 0.474   -2.986  6.426   1.00 1.79 ? 53 ARG A HG2  1 
ATOM 516 H HG3  . ARG A 1 34 ? -0.249  -3.441  7.963   1.00 1.91 ? 53 ARG A HG3  1 
ATOM 517 H HD2  . ARG A 1 34 ? 0.292   -5.252  5.599   1.00 2.28 ? 53 ARG A HD2  1 
ATOM 518 H HD3  . ARG A 1 34 ? 1.039   -5.328  7.195   1.00 1.92 ? 53 ARG A HD3  1 
ATOM 519 H HE   . ARG A 1 34 ? -1.878  -5.620  7.222   1.00 2.57 ? 53 ARG A HE   1 
ATOM 520 H HH11 . ARG A 1 34 ? -0.857  -6.942  9.403   1.00 2.33 ? 53 ARG A HH11 1 
ATOM 521 H HH12 . ARG A 1 34 ? -0.506  -8.561  8.898   1.00 2.55 ? 53 ARG A HH12 1 
ATOM 522 H HH21 . ARG A 1 34 ? -0.534  -7.797  5.516   1.00 3.33 ? 53 ARG A HH21 1 
ATOM 523 H HH22 . ARG A 1 34 ? -0.323  -9.045  6.698   1.00 3.19 ? 53 ARG A HH22 1 
ATOM 524 N N    . SER A 1 35 ? -4.012  -2.423  5.301   1.00 0.31 ? 54 SER A N    1 
ATOM 525 C CA   . SER A 1 35 ? -5.349  -2.439  4.686   1.00 0.34 ? 54 SER A CA   1 
ATOM 526 C C    . SER A 1 35 ? -5.582  -1.131  3.943   1.00 0.29 ? 54 SER A C    1 
ATOM 527 O O    . SER A 1 35 ? -5.959  -1.131  2.788   1.00 0.33 ? 54 SER A O    1 
ATOM 528 C CB   . SER A 1 35 ? -6.411  -2.622  5.770   1.00 0.39 ? 54 SER A CB   1 
ATOM 529 O OG   . SER A 1 35 ? -5.926  -2.093  6.998   1.00 1.27 ? 54 SER A OG   1 
ATOM 530 H H    . SER A 1 35 ? -3.922  -2.555  6.253   1.00 0.35 ? 54 SER A H    1 
ATOM 531 H HA   . SER A 1 35 ? -5.389  -3.262  3.988   1.00 0.37 ? 54 SER A HA   1 
ATOM 532 H HB2  . SER A 1 35 ? -7.309  -2.099  5.491   1.00 1.09 ? 54 SER A HB2  1 
ATOM 533 H HB3  . SER A 1 35 ? -6.631  -3.676  5.883   1.00 1.07 ? 54 SER A HB3  1 
ATOM 534 H HG   . SER A 1 35 ? -6.060  -2.755  7.680   1.00 1.73 ? 54 SER A HG   1 
ATOM 535 N N    . THR A 1 36 ? -5.347  -0.008  4.572   1.00 0.25 ? 55 THR A N    1 
ATOM 536 C CA   . THR A 1 36 ? -5.549  1.266   3.841   1.00 0.24 ? 55 THR A CA   1 
ATOM 537 C C    . THR A 1 36 ? -4.851  1.123   2.503   1.00 0.20 ? 55 THR A C    1 
ATOM 538 O O    . THR A 1 36 ? -5.250  1.684   1.511   1.00 0.22 ? 55 THR A O    1 
ATOM 539 C CB   . THR A 1 36 ? -4.940  2.433   4.606   1.00 0.24 ? 55 THR A CB   1 
ATOM 540 O OG1  . THR A 1 36 ? -5.665  2.644   5.809   1.00 0.30 ? 55 THR A OG1  1 
ATOM 541 C CG2  . THR A 1 36 ? -5.005  3.689   3.732   1.00 0.29 ? 55 THR A CG2  1 
ATOM 542 H H    . THR A 1 36 ? -5.024  -0.011  5.498   1.00 0.25 ? 55 THR A H    1 
ATOM 543 H HA   . THR A 1 36 ? -6.597  1.440   3.691   1.00 0.29 ? 55 THR A HA   1 
ATOM 544 H HB   . THR A 1 36 ? -3.917  2.210   4.832   1.00 0.22 ? 55 THR A HB   1 
ATOM 545 H HG1  . THR A 1 36 ? -5.274  2.091   6.491   1.00 0.93 ? 55 THR A HG1  1 
ATOM 546 H HG21 . THR A 1 36 ? -5.003  3.402   2.685   1.00 1.07 ? 55 THR A HG21 1 
ATOM 547 H HG22 . THR A 1 36 ? -5.910  4.233   3.954   1.00 1.07 ? 55 THR A HG22 1 
ATOM 548 H HG23 . THR A 1 36 ? -4.150  4.315   3.938   1.00 1.03 ? 55 THR A HG23 1 
ATOM 549 N N    . CYS A 1 37 ? -3.811  0.342   2.485   1.00 0.18 ? 56 CYS A N    1 
ATOM 550 C CA   . CYS A 1 37 ? -3.055  0.103   1.231   1.00 0.17 ? 56 CYS A CA   1 
ATOM 551 C C    . CYS A 1 37 ? -3.882  -0.775  0.318   1.00 0.28 ? 56 CYS A C    1 
ATOM 552 O O    . CYS A 1 37 ? -4.436  -0.339  -0.672  1.00 0.39 ? 56 CYS A O    1 
ATOM 553 C CB   . CYS A 1 37 ? -1.739  -0.639  1.576   1.00 0.21 ? 56 CYS A CB   1 
ATOM 554 S SG   . CYS A 1 37 ? -0.830  -1.023  0.073   1.00 0.91 ? 56 CYS A SG   1 
ATOM 555 H H    . CYS A 1 37 ? -3.531  -0.106  3.311   1.00 0.21 ? 56 CYS A H    1 
ATOM 556 H HA   . CYS A 1 37 ? -2.848  1.035   0.725   1.00 0.19 ? 56 CYS A HA   1 
ATOM 557 H HB2  . CYS A 1 37 ? -1.126  -0.033  2.208   1.00 0.35 ? 56 CYS A HB2  1 
ATOM 558 H HB3  . CYS A 1 37 ? -1.955  -1.557  2.095   1.00 0.53 ? 56 CYS A HB3  1 
ATOM 559 N N    . ALA A 1 38 ? -3.918  -2.020  0.628   1.00 0.33 ? 57 ALA A N    1 
ATOM 560 C CA   . ALA A 1 38 ? -4.638  -2.984  -0.208  1.00 0.50 ? 57 ALA A CA   1 
ATOM 561 C C    . ALA A 1 38 ? -6.078  -3.212  0.280   1.00 0.50 ? 57 ALA A C    1 
ATOM 562 O O    . ALA A 1 38 ? -7.018  -3.096  -0.478  1.00 0.75 ? 57 ALA A O    1 
ATOM 563 C CB   . ALA A 1 38 ? -3.832  -4.257  -0.134  1.00 0.62 ? 57 ALA A CB   1 
ATOM 564 H H    . ALA A 1 38 ? -3.431  -2.337  1.411   1.00 0.30 ? 57 ALA A H    1 
ATOM 565 H HA   . ALA A 1 38 ? -4.653  -2.630  -1.220  1.00 0.58 ? 57 ALA A HA   1 
ATOM 566 H HB1  . ALA A 1 38 ? -3.790  -4.580  0.902   1.00 1.18 ? 57 ALA A HB1  1 
ATOM 567 H HB2  . ALA A 1 38 ? -2.817  -4.050  -0.497  1.00 1.17 ? 57 ALA A HB2  1 
ATOM 568 H HB3  . ALA A 1 38 ? -4.291  -5.018  -0.741  1.00 1.22 ? 57 ALA A HB3  1 
ATOM 569 N N    . ALA A 1 39 ? -6.255  -3.565  1.526   1.00 0.57 ? 58 ALA A N    1 
ATOM 570 C CA   . ALA A 1 39 ? -7.634  -3.831  2.050   1.00 0.59 ? 58 ALA A CA   1 
ATOM 571 C C    . ALA A 1 39 ? -8.673  -2.996  1.298   1.00 0.52 ? 58 ALA A C    1 
ATOM 572 O O    . ALA A 1 39 ? -9.782  -3.435  1.069   1.00 0.63 ? 58 ALA A O    1 
ATOM 573 C CB   . ALA A 1 39 ? -7.697  -3.489  3.537   1.00 0.81 ? 58 ALA A CB   1 
ATOM 574 H H    . ALA A 1 39 ? -5.481  -3.675  2.117   1.00 0.81 ? 58 ALA A H    1 
ATOM 575 H HA   . ALA A 1 39 ? -7.863  -4.879  1.921   1.00 0.60 ? 58 ALA A HA   1 
ATOM 576 H HB1  . ALA A 1 39 ? -6.994  -4.105  4.078   1.00 1.32 ? 58 ALA A HB1  1 
ATOM 577 H HB2  . ALA A 1 39 ? -7.447  -2.448  3.676   1.00 1.44 ? 58 ALA A HB2  1 
ATOM 578 H HB3  . ALA A 1 39 ? -8.694  -3.671  3.905   1.00 1.24 ? 58 ALA A HB3  1 
ATOM 579 N N    . GLN A 1 40 ? -8.331  -1.799  0.908   1.00 0.63 ? 59 GLN A N    1 
ATOM 580 C CA   . GLN A 1 40 ? -9.310  -0.953  0.170   1.00 0.62 ? 59 GLN A CA   1 
ATOM 581 C C    . GLN A 1 40 ? -10.034 -1.812  -0.870  1.00 0.49 ? 59 GLN A C    1 
ATOM 582 O O    . GLN A 1 40 ? -9.572  -2.881  -1.215  1.00 0.44 ? 59 GLN A O    1 
ATOM 583 C CB   . GLN A 1 40 ? -8.565  0.192   -0.520  1.00 0.73 ? 59 GLN A CB   1 
ATOM 584 C CG   . GLN A 1 40 ? -8.298  1.299   0.500   1.00 0.96 ? 59 GLN A CG   1 
ATOM 585 C CD   . GLN A 1 40 ? -8.092  2.629   -0.221  1.00 0.98 ? 59 GLN A CD   1 
ATOM 586 O OE1  . GLN A 1 40 ? -8.259  3.679   0.365   1.00 1.76 ? 59 GLN A OE1  1 
ATOM 587 N NE2  . GLN A 1 40 ? -7.730  2.631   -1.475  1.00 0.80 ? 59 GLN A NE2  1 
ATOM 588 H H    . GLN A 1 40 ? -7.430  -1.459  1.096   1.00 0.85 ? 59 GLN A H    1 
ATOM 589 H HA   . GLN A 1 40 ? -10.029 -0.545  0.866   1.00 0.75 ? 59 GLN A HA   1 
ATOM 590 H HB2  . GLN A 1 40 ? -7.626  -0.175  -0.911  1.00 0.83 ? 59 GLN A HB2  1 
ATOM 591 H HB3  . GLN A 1 40 ? -9.164  0.582   -1.328  1.00 0.75 ? 59 GLN A HB3  1 
ATOM 592 H HG2  . GLN A 1 40 ? -9.142  1.381   1.169   1.00 1.26 ? 59 GLN A HG2  1 
ATOM 593 H HG3  . GLN A 1 40 ? -7.412  1.059   1.066   1.00 1.33 ? 59 GLN A HG3  1 
ATOM 594 H HE21 . GLN A 1 40 ? -7.594  1.783   -1.947  1.00 0.93 ? 59 GLN A HE21 1 
ATOM 595 H HE22 . GLN A 1 40 ? -7.596  3.480   -1.946  1.00 1.15 ? 59 GLN A HE22 1 
ATOM 596 N N    . PRO A 1 41 ? -11.155 -1.322  -1.333  1.00 0.62 ? 60 PRO A N    1 
ATOM 597 C CA   . PRO A 1 41 ? -11.976 -2.035  -2.332  1.00 0.72 ? 60 PRO A CA   1 
ATOM 598 C C    . PRO A 1 41 ? -11.325 -1.980  -3.719  1.00 0.71 ? 60 PRO A C    1 
ATOM 599 O O    . PRO A 1 41 ? -10.323 -1.326  -3.919  1.00 0.68 ? 60 PRO A O    1 
ATOM 600 C CB   . PRO A 1 41 ? -13.308 -1.279  -2.306  1.00 0.97 ? 60 PRO A CB   1 
ATOM 601 C CG   . PRO A 1 41 ? -13.006 0.122   -1.726  1.00 1.02 ? 60 PRO A CG   1 
ATOM 602 C CD   . PRO A 1 41 ? -11.705 -0.015  -0.911  1.00 0.82 ? 60 PRO A CD   1 
ATOM 603 H HA   . PRO A 1 41 ? -12.132 -3.057  -2.029  1.00 0.71 ? 60 PRO A HA   1 
ATOM 604 H HB2  . PRO A 1 41 ? -13.703 -1.193  -3.309  1.00 1.09 ? 60 PRO A HB2  1 
ATOM 605 H HB3  . PRO A 1 41 ? -14.013 -1.792  -1.670  1.00 1.06 ? 60 PRO A HB3  1 
ATOM 606 H HG2  . PRO A 1 41 ? -12.870 0.833   -2.529  1.00 1.06 ? 60 PRO A HG2  1 
ATOM 607 H HG3  . PRO A 1 41 ? -13.809 0.439   -1.079  1.00 1.20 ? 60 PRO A HG3  1 
ATOM 608 H HD2  . PRO A 1 41 ? -11.024 0.791   -1.152  1.00 0.81 ? 60 PRO A HD2  1 
ATOM 609 H HD3  . PRO A 1 41 ? -11.921 -0.025  0.145   1.00 0.93 ? 60 PRO A HD3  1 
ATOM 610 N N    . ALA A 1 42 ? -11.881 -2.676  -4.674  1.00 0.89 ? 61 ALA A N    1 
ATOM 611 C CA   . ALA A 1 42 ? -11.288 -2.675  -6.044  1.00 0.97 ? 61 ALA A CA   1 
ATOM 612 C C    . ALA A 1 42 ? -11.702 -1.400  -6.784  1.00 1.09 ? 61 ALA A C    1 
ATOM 613 O O    . ALA A 1 42 ? -12.703 -0.795  -6.463  1.00 1.22 ? 61 ALA A O    1 
ATOM 614 C CB   . ALA A 1 42 ? -11.789 -3.896  -6.816  1.00 1.20 ? 61 ALA A CB   1 
ATOM 615 H H    . ALA A 1 42 ? -12.685 -3.206  -4.489  1.00 1.04 ? 61 ALA A H    1 
ATOM 616 H HA   . ALA A 1 42 ? -10.212 -2.714  -5.968  1.00 0.84 ? 61 ALA A HA   1 
ATOM 617 H HB1  . ALA A 1 42 ? -12.785 -4.148  -6.486  1.00 1.68 ? 61 ALA A HB1  1 
ATOM 618 H HB2  . ALA A 1 42 ? -11.129 -4.732  -6.633  1.00 1.57 ? 61 ALA A HB2  1 
ATOM 619 H HB3  . ALA A 1 42 ? -11.803 -3.673  -7.873  1.00 1.60 ? 61 ALA A HB3  1 
ATOM 620 N N    . PRO A 1 43 ? -10.907 -1.035  -7.756  1.00 1.08 ? 62 PRO A N    1 
ATOM 621 C CA   . PRO A 1 43 ? -9.692  -1.788  -8.130  1.00 1.01 ? 62 PRO A CA   1 
ATOM 622 C C    . PRO A 1 43 ? -8.551  -1.490  -7.151  1.00 0.73 ? 62 PRO A C    1 
ATOM 623 O O    . PRO A 1 43 ? -7.404  -1.799  -7.405  1.00 0.73 ? 62 PRO A O    1 
ATOM 624 C CB   . PRO A 1 43 ? -9.362  -1.259  -9.529  1.00 1.15 ? 62 PRO A CB   1 
ATOM 625 C CG   . PRO A 1 43 ? -10.036 0.129   -9.640  1.00 1.20 ? 62 PRO A CG   1 
ATOM 626 C CD   . PRO A 1 43 ? -11.149 0.167   -8.576  1.00 1.21 ? 62 PRO A CD   1 
ATOM 627 H HA   . PRO A 1 43 ? -9.895  -2.846  -8.173  1.00 1.11 ? 62 PRO A HA   1 
ATOM 628 H HB2  . PRO A 1 43 ? -8.291  -1.167  -9.645  1.00 1.07 ? 62 PRO A HB2  1 
ATOM 629 H HB3  . PRO A 1 43 ? -9.765  -1.920  -10.281 1.00 1.35 ? 62 PRO A HB3  1 
ATOM 630 H HG2  . PRO A 1 43 ? -9.311  0.908   -9.450  1.00 1.07 ? 62 PRO A HG2  1 
ATOM 631 H HG3  . PRO A 1 43 ? -10.467 0.255   -10.622 1.00 1.38 ? 62 PRO A HG3  1 
ATOM 632 H HD2  . PRO A 1 43 ? -11.065 1.062   -7.974  1.00 1.15 ? 62 PRO A HD2  1 
ATOM 633 H HD3  . PRO A 1 43 ? -12.122 0.111   -9.041  1.00 1.42 ? 62 PRO A HD3  1 
ATOM 634 N N    . PHE A 1 44 ? -8.860  -0.893  -6.034  1.00 0.58 ? 63 PHE A N    1 
ATOM 635 C CA   . PHE A 1 44 ? -7.800  -0.574  -5.033  1.00 0.40 ? 63 PHE A CA   1 
ATOM 636 C C    . PHE A 1 44 ? -7.337  -1.879  -4.392  1.00 0.34 ? 63 PHE A C    1 
ATOM 637 O O    . PHE A 1 44 ? -8.012  -2.883  -4.488  1.00 0.37 ? 63 PHE A O    1 
ATOM 638 C CB   . PHE A 1 44 ? -8.393  0.327   -3.947  1.00 0.50 ? 63 PHE A CB   1 
ATOM 639 C CG   . PHE A 1 44 ? -9.524  1.125   -4.540  1.00 0.58 ? 63 PHE A CG   1 
ATOM 640 C CD1  . PHE A 1 44 ? -9.317  1.821   -5.726  1.00 1.25 ? 63 PHE A CD1  1 
ATOM 641 C CD2  . PHE A 1 44 ? -10.774 1.157   -3.916  1.00 1.34 ? 63 PHE A CD2  1 
ATOM 642 C CE1  . PHE A 1 44 ? -10.360 2.559   -6.295  1.00 1.29 ? 63 PHE A CE1  1 
ATOM 643 C CE2  . PHE A 1 44 ? -11.821 1.892   -4.484  1.00 1.47 ? 63 PHE A CE2  1 
ATOM 644 C CZ   . PHE A 1 44 ? -11.614 2.596   -5.675  1.00 0.89 ? 63 PHE A CZ   1 
ATOM 645 H H    . PHE A 1 44 ? -9.791  -0.656  -5.850  1.00 0.69 ? 63 PHE A H    1 
ATOM 646 H HA   . PHE A 1 44 ? -6.975  -0.076  -5.517  1.00 0.43 ? 63 PHE A HA   1 
ATOM 647 H HB2  . PHE A 1 44 ? -8.763  -0.280  -3.133  1.00 0.67 ? 63 PHE A HB2  1 
ATOM 648 H HB3  . PHE A 1 44 ? -7.631  0.998   -3.580  1.00 0.51 ? 63 PHE A HB3  1 
ATOM 649 H HD1  . PHE A 1 44 ? -8.351  1.787   -6.206  1.00 2.06 ? 63 PHE A HD1  1 
ATOM 650 H HD2  . PHE A 1 44 ? -10.932 0.615   -2.998  1.00 2.12 ? 63 PHE A HD2  1 
ATOM 651 H HE1  . PHE A 1 44 ? -10.193 3.106   -7.210  1.00 2.07 ? 63 PHE A HE1  1 
ATOM 652 H HE2  . PHE A 1 44 ? -12.788 1.918   -4.003  1.00 2.30 ? 63 PHE A HE2  1 
ATOM 653 H HZ   . PHE A 1 44 ? -12.420 3.163   -6.115  1.00 1.04 ? 63 PHE A HZ   1 
ATOM 654 N N    . GLY A 1 45 ? -6.221  -1.895  -3.713  1.00 0.43 ? 64 GLY A N    1 
ATOM 655 C CA   . GLY A 1 45 ? -5.824  -3.195  -3.071  1.00 0.56 ? 64 GLY A CA   1 
ATOM 656 C C    . GLY A 1 45 ? -4.316  -3.455  -3.118  1.00 0.51 ? 64 GLY A C    1 
ATOM 657 O O    . GLY A 1 45 ? -3.525  -2.584  -3.388  1.00 0.63 ? 64 GLY A O    1 
ATOM 658 H H    . GLY A 1 45 ? -5.673  -1.065  -3.606  1.00 0.49 ? 64 GLY A H    1 
ATOM 659 H HA2  . GLY A 1 45 ? -6.142  -3.185  -2.044  1.00 0.71 ? 64 GLY A HA2  1 
ATOM 660 H HA3  . GLY A 1 45 ? -6.333  -4.001  -3.581  1.00 0.66 ? 64 GLY A HA3  1 
ATOM 661 N N    . ILE A 1 46 ? -3.922  -4.675  -2.827  1.00 0.75 ? 65 ILE A N    1 
ATOM 662 C CA   . ILE A 1 46 ? -2.473  -5.036  -2.828  1.00 0.75 ? 65 ILE A CA   1 
ATOM 663 C C    . ILE A 1 46 ? -1.959  -5.157  -4.263  1.00 0.74 ? 65 ILE A C    1 
ATOM 664 O O    . ILE A 1 46 ? -2.479  -5.916  -5.057  1.00 0.93 ? 65 ILE A O    1 
ATOM 665 C CB   . ILE A 1 46 ? -2.267  -6.387  -2.116  1.00 0.77 ? 65 ILE A CB   1 
ATOM 666 C CG1  . ILE A 1 46 ? -1.959  -6.178  -0.627  1.00 0.89 ? 65 ILE A CG1  1 
ATOM 667 C CG2  . ILE A 1 46 ? -1.101  -7.142  -2.758  1.00 0.81 ? 65 ILE A CG2  1 
ATOM 668 C CD1  . ILE A 1 46 ? -3.067  -6.808  0.221   1.00 1.30 ? 65 ILE A CD1  1 
ATOM 669 H H    . ILE A 1 46 ? -4.589  -5.355  -2.598  1.00 1.05 ? 65 ILE A H    1 
ATOM 670 H HA   . ILE A 1 46 ? -1.914  -4.273  -2.310  1.00 0.76 ? 65 ILE A HA   1 
ATOM 671 H HB   . ILE A 1 46 ? -3.167  -6.978  -2.215  1.00 0.87 ? 65 ILE A HB   1 
ATOM 672 H HG12 . ILE A 1 46 ? -1.021  -6.656  -0.392  1.00 0.89 ? 65 ILE A HG12 1 
ATOM 673 H HG13 . ILE A 1 46 ? -1.885  -5.120  -0.406  1.00 0.84 ? 65 ILE A HG13 1 
ATOM 674 H HG21 . ILE A 1 46 ? -0.220  -6.517  -2.752  1.00 1.37 ? 65 ILE A HG21 1 
ATOM 675 H HG22 . ILE A 1 46 ? -0.905  -8.045  -2.199  1.00 1.09 ? 65 ILE A HG22 1 
ATOM 676 H HG23 . ILE A 1 46 ? -1.354  -7.396  -3.777  1.00 1.45 ? 65 ILE A HG23 1 
ATOM 677 H HD11 . ILE A 1 46 ? -4.002  -6.765  -0.317  1.00 1.86 ? 65 ILE A HD11 1 
ATOM 678 H HD12 . ILE A 1 46 ? -2.818  -7.838  0.427   1.00 1.55 ? 65 ILE A HD12 1 
ATOM 679 H HD13 . ILE A 1 46 ? -3.160  -6.268  1.152   1.00 1.75 ? 65 ILE A HD13 1 
ATOM 680 N N    . VAL A 1 47 ? -0.920  -4.445  -4.588  1.00 0.57 ? 66 VAL A N    1 
ATOM 681 C CA   . VAL A 1 47 ? -0.348  -4.554  -5.957  1.00 0.58 ? 66 VAL A CA   1 
ATOM 682 C C    . VAL A 1 47 ? 1.000   -5.264  -5.853  1.00 0.56 ? 66 VAL A C    1 
ATOM 683 O O    . VAL A 1 47 ? 1.444   -5.603  -4.771  1.00 0.57 ? 66 VAL A O    1 
ATOM 684 C CB   . VAL A 1 47 ? -0.151  -3.162  -6.560  1.00 0.61 ? 66 VAL A CB   1 
ATOM 685 C CG1  . VAL A 1 47 ? -0.309  -3.239  -8.080  1.00 0.69 ? 66 VAL A CG1  1 
ATOM 686 C CG2  . VAL A 1 47 ? -1.198  -2.205  -5.989  1.00 0.67 ? 66 VAL A CG2  1 
ATOM 687 H H    . VAL A 1 47 ? -0.497  -3.859  -3.924  1.00 0.49 ? 66 VAL A H    1 
ATOM 688 H HA   . VAL A 1 47 ? -1.015  -5.132  -6.582  1.00 0.64 ? 66 VAL A HA   1 
ATOM 689 H HB   . VAL A 1 47 ? 0.839   -2.803  -6.321  1.00 0.58 ? 66 VAL A HB   1 
ATOM 690 H HG11 . VAL A 1 47 ? -0.790  -4.170  -8.345  1.00 1.26 ? 66 VAL A HG11 1 
ATOM 691 H HG12 . VAL A 1 47 ? -0.911  -2.412  -8.423  1.00 1.28 ? 66 VAL A HG12 1 
ATOM 692 H HG13 . VAL A 1 47 ? 0.665   -3.192  -8.545  1.00 1.15 ? 66 VAL A HG13 1 
ATOM 693 H HG21 . VAL A 1 47 ? -2.074  -2.766  -5.695  1.00 1.23 ? 66 VAL A HG21 1 
ATOM 694 H HG22 . VAL A 1 47 ? -0.790  -1.696  -5.129  1.00 1.16 ? 66 VAL A HG22 1 
ATOM 695 H HG23 . VAL A 1 47 ? -1.470  -1.479  -6.740  1.00 1.24 ? 66 VAL A HG23 1 
ATOM 696 N N    . GLY A 1 48 ? 1.655   -5.492  -6.957  1.00 0.62 ? 67 GLY A N    1 
ATOM 697 C CA   . GLY A 1 48 ? 2.975   -6.181  -6.909  1.00 0.66 ? 67 GLY A CA   1 
ATOM 698 C C    . GLY A 1 48 ? 2.922   -7.453  -7.758  1.00 1.21 ? 67 GLY A C    1 
ATOM 699 O O    . GLY A 1 48 ? 3.094   -8.548  -7.262  1.00 1.93 ? 67 GLY A O    1 
ATOM 700 H H    . GLY A 1 48 ? 1.280   -5.211  -7.818  1.00 0.69 ? 67 GLY A H    1 
ATOM 701 H HA2  . GLY A 1 48 ? 3.741   -5.521  -7.292  1.00 0.99 ? 67 GLY A HA2  1 
ATOM 702 H HA3  . GLY A 1 48 ? 3.206   -6.445  -5.887  1.00 0.98 ? 67 GLY A HA3  1 
ATOM 703 N N    . SER A 1 49 ? 2.685   -7.314  -9.033  1.00 1.88 ? 68 SER A N    1 
ATOM 704 C CA   . SER A 1 49 ? 2.621   -8.515  -9.913  1.00 2.67 ? 68 SER A CA   1 
ATOM 705 C C    . SER A 1 49 ? 3.761   -8.462  -10.931 1.00 3.30 ? 68 SER A C    1 
ATOM 706 O O    . SER A 1 49 ? 3.598   -7.981  -12.036 1.00 3.84 ? 68 SER A O    1 
ATOM 707 C CB   . SER A 1 49 ? 1.281   -8.538  -10.650 1.00 3.57 ? 68 SER A CB   1 
ATOM 708 O OG   . SER A 1 49 ? 0.600   -9.749  -10.348 1.00 4.20 ? 68 SER A OG   1 
ATOM 709 H H    . SER A 1 49 ? 2.549   -6.421  -9.414  1.00 2.29 ? 68 SER A H    1 
ATOM 710 H HA   . SER A 1 49 ? 2.717   -9.408  -9.312  1.00 2.80 ? 68 SER A HA   1 
ATOM 711 H HB2  . SER A 1 49 ? 0.679   -7.704  -10.329 1.00 3.88 ? 68 SER A HB2  1 
ATOM 712 H HB3  . SER A 1 49 ? 1.454   -8.465  -11.714 1.00 4.00 ? 68 SER A HB3  1 
ATOM 713 H HG   . SER A 1 49 ? 0.906   -10.056 -9.492  1.00 4.54 ? 68 SER A HG   1 
ATOM 714 N N    . GLY A 1 50 ? 4.916   -8.952  -10.569 1.00 3.86 ? 69 GLY A N    1 
ATOM 715 C CA   . GLY A 1 50 ? 6.065   -8.928  -11.518 1.00 4.95 ? 69 GLY A CA   1 
ATOM 716 C C    . GLY A 1 50 ? 5.955   -10.108 -12.486 1.00 5.70 ? 69 GLY A C    1 
ATOM 717 O O    . GLY A 1 50 ? 6.145   -9.895  -13.673 1.00 6.20 ? 69 GLY A O    1 
ATOM 718 O OXT  . GLY A 1 50 ? 5.680   -11.204 -12.025 1.00 6.08 ? 69 GLY A OXT  1 
ATOM 719 H H    . GLY A 1 50 ? 5.027   -9.335  -9.675  1.00 3.88 ? 69 GLY A H    1 
ATOM 720 H HA2  . GLY A 1 50 ? 6.053   -8.002  -12.074 1.00 5.34 ? 69 GLY A HA2  1 
ATOM 721 H HA3  . GLY A 1 50 ? 6.988   -9.007  -10.967 1.00 5.20 ? 69 GLY A HA3  1 
# 
